data_5NPC
#
_entry.id   5NPC
#
_cell.length_a   197.140
_cell.length_b   197.140
_cell.length_c   102.780
_cell.angle_alpha   90.00
_cell.angle_beta   90.00
_cell.angle_gamma   120.00
#
_symmetry.space_group_name_H-M   'P 6 2 2'
#
loop_
_entity.id
_entity.type
_entity.pdbx_description
1 polymer 'Oligosaccharide 4-alpha-D-glucosyltransferase'
2 non-polymer 'SULFATE ION'
3 non-polymer 1,2-ETHANEDIOL
4 non-polymer 'TETRAETHYLENE GLYCOL'
5 non-polymer (3~{a}~{R},4~{R},5~{S},6~{R},7~{R},7~{a}~{S})-7-(hydroxymethyl)-2,2-bis(oxidanylidene)-3~{a},4,5,6,7,7~{a}-hexahydrobenzo[d][1,3,2]dioxathiole-4,5,6-triol
6 non-polymer 'OXALATE ION'
7 water water
#
_entity_poly.entity_id   1
_entity_poly.type   'polypeptide(L)'
_entity_poly.pdbx_seq_one_letter_code
;NPVKREIHPDAVFYKEHKLRNDGLVITTNQGNIRLQFKSEAAIEVLYRADSKQLPSFALAQPESAIKAQLTETENHLQFS
GGTLTARIQKRPFAISYYRDSELLLAEESGFQVNTDKINFRFYLSPGEKILGGGQRILGMDRRGQRFPLYNRAHYGYSDH
SGQMYFGLPAIMSSKQYILVFDNSASGAMDIGKTESDILQLEAKSGRSAYILVAGNSYPSLIENFTQVTGRQPLPPRWAL
GSFASRFGYRSEAETRATVQKYKTEDFPLDTIVLDLYWFGKDIKGHMGNLDWDKENFPTPLDMMADFKQQGVKTVLITEP
FVLTSSKRWDDAVKAKALAKDPQGQPKAFELYFGNGGIIDVFSKEGSRWFSSIYKDLSKQGVAGWWGNLGEPEMHPEDTQ
HAIGDADTVHNAYGHRWAEMLYQQQLDQFPELRPFIMMRAGFVGSQRYGMIPWTGDVSRTWGGLASQVELALQMSLLGFG
YIHSDLGGFADGETLDKEMYIRWLQYGVFQPVYRPHGQDHIPSEPVFQDEETKAILRPLVKLRYRMLPYIYTAAYQNTLT
GMPLMRPLFFSDEKNPALIDNKTSYFWGDSLLVTPITQAGVESVSIPAPKGVWFDFWKDTRYQTDGAPLTLPTDLHTIPV
LVKAGAFMPYVPAVSTTEDYRSDSLEIHYYADASVPLAQGEIFEDDGKDPNSIKRNQFDLLTLQATHTDNQLHFQLARTG
KGYRGMPERRATTLVIHNASDQYQHLDINGKTIAIAQADCASTPALACYDQERRQLQLVFTWGREALNLRLHKGGRADPA
FLYKVVINSKLEGKPIPNPLLGLDSTRTGHHHHHH
;
_entity_poly.pdbx_strand_id   A
#
loop_
_chem_comp.id
_chem_comp.type
_chem_comp.name
_chem_comp.formula
94E non-polymer (3~{a}~{R},4~{R},5~{S},6~{R},7~{R},7~{a}~{S})-7-(hydroxymethyl)-2,2-bis(oxidanylidene)-3~{a},4,5,6,7,7~{a}-hexahydrobenzo[d][1,3,2]dioxathiole-4,5,6-triol 'C7 H12 O8 S'
EDO non-polymer 1,2-ETHANEDIOL 'C2 H6 O2'
OXL non-polymer 'OXALATE ION' 'C2 O4 -2'
PG4 non-polymer 'TETRAETHYLENE GLYCOL' 'C8 H18 O5'
SO4 non-polymer 'SULFATE ION' 'O4 S -2'
#
# COMPACT_ATOMS: atom_id res chain seq x y z
N ALA A 11 -26.48 -23.45 23.53
CA ALA A 11 -25.88 -24.82 23.61
C ALA A 11 -25.93 -25.51 22.23
N VAL A 12 -24.75 -25.72 21.66
CA VAL A 12 -24.57 -26.24 20.29
C VAL A 12 -23.76 -27.53 20.37
N PHE A 13 -24.03 -28.47 19.48
CA PHE A 13 -23.30 -29.75 19.45
C PHE A 13 -23.21 -30.38 18.05
N TYR A 14 -22.14 -31.14 17.85
CA TYR A 14 -21.90 -31.91 16.63
C TYR A 14 -23.01 -32.97 16.43
N LYS A 15 -23.59 -33.05 15.24
CA LYS A 15 -24.49 -34.17 14.89
C LYS A 15 -23.81 -35.14 13.91
N GLU A 16 -23.25 -34.62 12.83
CA GLU A 16 -22.86 -35.41 11.65
C GLU A 16 -21.94 -34.57 10.72
N HIS A 17 -21.10 -35.23 9.90
CA HIS A 17 -20.34 -34.55 8.81
C HIS A 17 -20.22 -35.34 7.49
N LYS A 18 -20.10 -34.61 6.37
CA LYS A 18 -19.72 -35.17 5.07
C LYS A 18 -18.46 -34.46 4.52
N LEU A 19 -17.70 -35.19 3.73
CA LEU A 19 -16.61 -34.63 2.93
C LEU A 19 -17.06 -34.59 1.47
N ARG A 20 -17.32 -33.39 0.92
CA ARG A 20 -17.82 -33.27 -0.47
C ARG A 20 -17.18 -32.11 -1.26
N ASN A 21 -16.69 -32.41 -2.47
CA ASN A 21 -15.93 -31.47 -3.32
C ASN A 21 -14.72 -30.84 -2.57
N ASP A 22 -14.04 -31.68 -1.79
CA ASP A 22 -12.91 -31.34 -0.88
C ASP A 22 -13.22 -30.55 0.40
N GLY A 23 -14.45 -30.05 0.54
CA GLY A 23 -14.87 -29.33 1.75
C GLY A 23 -15.53 -30.22 2.77
N LEU A 24 -15.22 -29.98 4.04
CA LEU A 24 -15.91 -30.61 5.17
C LEU A 24 -17.20 -29.87 5.50
N VAL A 25 -18.35 -30.52 5.26
CA VAL A 25 -19.66 -30.00 5.70
C VAL A 25 -20.08 -30.71 7.00
N ILE A 26 -20.10 -29.96 8.10
CA ILE A 26 -20.58 -30.43 9.41
C ILE A 26 -22.04 -29.97 9.63
N THR A 27 -22.81 -30.82 10.32
CA THR A 27 -24.18 -30.53 10.73
C THR A 27 -24.21 -30.46 12.25
N THR A 28 -24.71 -29.36 12.80
CA THR A 28 -24.98 -29.30 14.25
C THR A 28 -26.50 -29.28 14.48
N ASN A 29 -26.88 -29.25 15.75
CA ASN A 29 -28.27 -28.97 16.13
C ASN A 29 -28.82 -27.63 15.58
N GLN A 30 -27.95 -26.67 15.25
CA GLN A 30 -28.40 -25.38 14.73
C GLN A 30 -28.20 -25.13 13.22
N GLY A 31 -27.57 -26.07 12.51
CA GLY A 31 -27.43 -25.99 11.05
C GLY A 31 -26.10 -26.49 10.51
N ASN A 32 -25.81 -26.10 9.27
CA ASN A 32 -24.61 -26.55 8.56
C ASN A 32 -23.44 -25.55 8.64
N ILE A 33 -22.23 -26.09 8.73
CA ILE A 33 -20.96 -25.33 8.75
C ILE A 33 -20.00 -25.90 7.66
N ARG A 34 -19.60 -25.09 6.66
CA ARG A 34 -18.68 -25.57 5.60
C ARG A 34 -17.26 -25.05 5.77
N LEU A 35 -16.32 -25.97 5.98
CA LEU A 35 -14.89 -25.67 6.09
C LEU A 35 -14.18 -26.03 4.78
N GLN A 36 -13.66 -25.03 4.07
CA GLN A 36 -12.82 -25.28 2.89
C GLN A 36 -11.45 -24.62 3.11
N PHE A 37 -10.40 -25.38 2.86
CA PHE A 37 -9.02 -24.86 2.88
C PHE A 37 -8.79 -24.16 1.58
N LYS A 38 -8.45 -22.87 1.64
CA LYS A 38 -8.19 -22.09 0.44
C LYS A 38 -6.72 -22.15 0.07
N SER A 39 -5.90 -22.66 0.98
CA SER A 39 -4.53 -23.00 0.72
C SER A 39 -4.09 -23.82 1.91
N GLU A 40 -2.80 -24.15 1.97
CA GLU A 40 -2.24 -24.96 3.04
C GLU A 40 -2.26 -24.27 4.40
N ALA A 41 -2.31 -22.93 4.40
CA ALA A 41 -2.24 -22.14 5.62
C ALA A 41 -3.47 -21.21 5.82
N ALA A 42 -4.54 -21.43 5.05
CA ALA A 42 -5.72 -20.56 5.09
C ALA A 42 -7.01 -21.37 4.96
N ILE A 43 -7.97 -21.06 5.84
CA ILE A 43 -9.26 -21.76 5.86
C ILE A 43 -10.45 -20.79 5.91
N GLU A 44 -11.46 -21.07 5.10
CA GLU A 44 -12.74 -20.38 5.11
C GLU A 44 -13.78 -21.25 5.88
N VAL A 45 -14.31 -20.69 6.97
CA VAL A 45 -15.36 -21.30 7.81
C VAL A 45 -16.70 -20.57 7.58
N LEU A 46 -17.59 -21.17 6.81
CA LEU A 46 -18.92 -20.59 6.50
C LEU A 46 -19.99 -21.25 7.37
N TYR A 47 -20.59 -20.48 8.30
CA TYR A 47 -21.75 -20.91 9.10
C TYR A 47 -23.03 -20.61 8.31
N ARG A 48 -24.13 -21.24 8.70
CA ARG A 48 -25.40 -21.20 7.95
C ARG A 48 -25.20 -21.58 6.49
N ALA A 49 -24.34 -22.56 6.25
CA ALA A 49 -23.91 -22.93 4.88
C ALA A 49 -25.05 -23.38 4.00
N ASP A 50 -26.08 -23.94 4.63
CA ASP A 50 -27.36 -24.30 4.00
C ASP A 50 -28.11 -23.15 3.25
N SER A 51 -27.99 -21.90 3.74
CA SER A 51 -28.81 -20.75 3.26
C SER A 51 -28.18 -19.86 2.19
N LYS A 52 -29.01 -19.05 1.51
CA LYS A 52 -28.56 -18.05 0.54
C LYS A 52 -27.94 -16.88 1.29
N GLN A 53 -26.67 -16.60 0.99
CA GLN A 53 -25.93 -15.51 1.60
C GLN A 53 -25.26 -14.74 0.48
N LEU A 54 -24.82 -13.52 0.80
CA LEU A 54 -23.90 -12.81 -0.07
C LEU A 54 -22.64 -13.68 -0.27
N PRO A 55 -22.03 -13.61 -1.46
CA PRO A 55 -20.78 -14.34 -1.67
C PRO A 55 -19.62 -13.66 -0.96
N SER A 56 -18.50 -14.37 -0.89
CA SER A 56 -17.27 -13.81 -0.38
C SER A 56 -16.82 -12.59 -1.21
N PHE A 57 -16.32 -11.58 -0.52
CA PHE A 57 -15.67 -10.44 -1.17
C PHE A 57 -14.15 -10.48 -0.95
N ALA A 58 -13.72 -11.12 0.13
CA ALA A 58 -12.33 -11.15 0.57
C ALA A 58 -11.48 -12.12 -0.26
N LEU A 59 -12.06 -13.25 -0.69
CA LEU A 59 -11.28 -14.29 -1.36
C LEU A 59 -11.10 -13.97 -2.83
N ALA A 60 -9.85 -14.05 -3.29
CA ALA A 60 -9.52 -13.91 -4.73
C ALA A 60 -10.07 -15.11 -5.54
N GLN A 61 -10.00 -16.31 -4.97
CA GLN A 61 -10.63 -17.51 -5.58
C GLN A 61 -11.70 -18.12 -4.65
N PRO A 62 -12.91 -17.52 -4.66
CA PRO A 62 -13.94 -17.92 -3.68
C PRO A 62 -14.33 -19.40 -3.75
N GLU A 63 -14.38 -19.98 -4.95
CA GLU A 63 -14.80 -21.40 -5.13
C GLU A 63 -13.68 -22.45 -5.10
N SER A 64 -12.47 -22.11 -4.64
CA SER A 64 -11.40 -23.10 -4.55
C SER A 64 -11.42 -23.80 -3.21
N ALA A 65 -10.99 -25.06 -3.22
CA ALA A 65 -10.75 -25.84 -2.01
C ALA A 65 -9.69 -26.86 -2.34
N ILE A 66 -8.68 -26.98 -1.48
CA ILE A 66 -7.54 -27.87 -1.73
C ILE A 66 -7.66 -29.08 -0.81
N LYS A 67 -7.14 -30.22 -1.25
CA LYS A 67 -7.29 -31.49 -0.53
C LYS A 67 -6.69 -31.40 0.86
N ALA A 68 -7.45 -31.88 1.85
CA ALA A 68 -7.05 -31.85 3.23
C ALA A 68 -7.22 -33.24 3.86
N GLN A 69 -6.61 -33.42 5.03
CA GLN A 69 -6.66 -34.68 5.77
C GLN A 69 -7.65 -34.53 6.91
N LEU A 70 -8.79 -35.21 6.79
CA LEU A 70 -9.77 -35.31 7.88
C LEU A 70 -9.48 -36.53 8.72
N THR A 71 -9.44 -36.36 10.05
CA THR A 71 -9.41 -37.52 10.97
C THR A 71 -10.36 -37.33 12.17
N GLU A 72 -11.04 -38.42 12.54
CA GLU A 72 -12.10 -38.45 13.56
C GLU A 72 -11.60 -39.18 14.80
N THR A 73 -11.91 -38.64 15.98
CA THR A 73 -11.71 -39.32 17.26
C THR A 73 -13.08 -39.33 17.98
N GLU A 74 -13.10 -39.75 19.26
CA GLU A 74 -14.36 -39.76 20.03
C GLU A 74 -14.93 -38.33 20.10
N ASN A 75 -14.26 -37.46 20.86
CA ASN A 75 -14.77 -36.10 21.17
C ASN A 75 -14.44 -34.98 20.14
N HIS A 76 -13.62 -35.26 19.12
CA HIS A 76 -13.10 -34.23 18.20
C HIS A 76 -13.08 -34.66 16.72
N LEU A 77 -13.01 -33.66 15.82
CA LEU A 77 -12.56 -33.83 14.44
C LEU A 77 -11.29 -32.96 14.19
N GLN A 78 -10.49 -33.38 13.21
CA GLN A 78 -9.23 -32.69 12.83
C GLN A 78 -9.15 -32.58 11.32
N PHE A 79 -9.26 -31.35 10.83
CA PHE A 79 -9.24 -31.06 9.41
C PHE A 79 -7.99 -30.22 9.13
N SER A 80 -7.07 -30.78 8.33
CA SER A 80 -5.72 -30.23 8.12
C SER A 80 -5.34 -30.04 6.68
N GLY A 81 -4.79 -28.86 6.39
CA GLY A 81 -3.98 -28.61 5.21
C GLY A 81 -2.53 -28.76 5.64
N GLY A 82 -1.64 -28.29 4.78
CA GLY A 82 -0.21 -28.31 5.07
C GLY A 82 0.20 -27.80 6.43
N THR A 83 0.04 -26.50 6.70
CA THR A 83 0.49 -25.90 7.96
C THR A 83 -0.65 -25.61 8.98
N LEU A 84 -1.87 -25.35 8.51
CA LEU A 84 -3.00 -24.99 9.38
C LEU A 84 -3.92 -26.20 9.65
N THR A 85 -4.21 -26.42 10.94
CA THR A 85 -5.16 -27.46 11.41
C THR A 85 -6.37 -26.88 12.21
N ALA A 86 -7.58 -27.22 11.75
CA ALA A 86 -8.83 -26.93 12.49
C ALA A 86 -9.20 -28.09 13.42
N ARG A 87 -9.21 -27.83 14.72
CA ARG A 87 -9.59 -28.83 15.73
C ARG A 87 -11.02 -28.53 16.20
N ILE A 88 -11.93 -29.45 15.87
CA ILE A 88 -13.37 -29.27 16.04
C ILE A 88 -13.85 -30.14 17.19
N GLN A 89 -13.91 -29.58 18.41
CA GLN A 89 -14.52 -30.25 19.58
C GLN A 89 -16.04 -30.46 19.34
N LYS A 90 -16.53 -31.65 19.66
CA LYS A 90 -17.92 -32.04 19.32
C LYS A 90 -18.99 -31.55 20.31
N ARG A 91 -18.71 -31.65 21.62
CA ARG A 91 -19.67 -31.26 22.66
C ARG A 91 -18.95 -30.57 23.82
N PRO A 92 -19.19 -29.28 24.09
CA PRO A 92 -19.95 -28.36 23.22
C PRO A 92 -19.17 -28.06 21.95
N PHE A 93 -19.89 -27.73 20.88
CA PHE A 93 -19.25 -27.44 19.61
C PHE A 93 -18.34 -26.21 19.71
N ALA A 94 -17.06 -26.37 19.38
CA ALA A 94 -16.07 -25.27 19.40
C ALA A 94 -14.94 -25.63 18.46
N ILE A 95 -14.65 -24.76 17.50
CA ILE A 95 -13.53 -24.94 16.59
C ILE A 95 -12.37 -24.11 17.14
N SER A 96 -11.19 -24.70 17.12
CA SER A 96 -9.99 -23.97 17.40
C SER A 96 -8.95 -24.27 16.30
N TYR A 97 -7.92 -23.44 16.23
CA TYR A 97 -7.01 -23.44 15.09
C TYR A 97 -5.55 -23.54 15.55
N TYR A 98 -4.81 -24.41 14.87
CA TYR A 98 -3.42 -24.76 15.21
C TYR A 98 -2.47 -24.68 14.01
N ARG A 99 -1.27 -24.22 14.29
CA ARG A 99 -0.16 -24.31 13.34
C ARG A 99 0.87 -25.13 14.09
N ASP A 100 1.20 -26.30 13.52
CA ASP A 100 1.86 -27.37 14.25
C ASP A 100 0.90 -27.80 15.34
N SER A 101 1.35 -27.68 16.59
CA SER A 101 0.53 -27.87 17.75
C SER A 101 0.58 -26.59 18.62
N GLU A 102 0.72 -25.42 17.99
CA GLU A 102 0.62 -24.14 18.71
C GLU A 102 -0.78 -23.60 18.49
N LEU A 103 -1.45 -23.27 19.60
CA LEU A 103 -2.79 -22.70 19.56
C LEU A 103 -2.72 -21.28 19.03
N LEU A 104 -3.38 -21.08 17.89
CA LEU A 104 -3.53 -19.78 17.31
C LEU A 104 -4.73 -19.06 17.91
N LEU A 105 -5.90 -19.66 17.70
CA LEU A 105 -7.19 -19.05 18.01
C LEU A 105 -8.23 -20.12 18.33
N ALA A 106 -8.94 -19.93 19.45
CA ALA A 106 -10.09 -20.76 19.83
C ALA A 106 -11.41 -19.95 19.89
N GLU A 107 -12.45 -20.47 19.23
CA GLU A 107 -13.82 -20.04 19.48
C GLU A 107 -14.20 -20.14 20.97
N GLU A 108 -14.97 -19.18 21.45
CA GLU A 108 -15.62 -19.28 22.76
C GLU A 108 -17.01 -19.82 22.40
N SER A 109 -18.05 -18.98 22.36
CA SER A 109 -19.38 -19.43 21.88
C SER A 109 -19.40 -19.69 20.38
N GLY A 110 -18.46 -19.08 19.66
CA GLY A 110 -18.40 -19.19 18.21
C GLY A 110 -19.48 -18.32 17.59
N PHE A 111 -20.25 -18.92 16.68
CA PHE A 111 -21.39 -18.31 16.00
C PHE A 111 -22.68 -18.26 16.87
N GLN A 112 -23.49 -17.21 16.69
CA GLN A 112 -24.77 -17.00 17.40
C GLN A 112 -25.74 -16.19 16.48
N VAL A 113 -27.06 -16.44 16.65
CA VAL A 113 -28.19 -15.92 15.79
C VAL A 113 -27.85 -15.86 14.30
N LYS A 117 -29.19 -10.30 14.31
CA LYS A 117 -27.76 -10.00 14.13
C LYS A 117 -26.88 -11.27 13.98
N ILE A 118 -25.66 -11.06 13.50
CA ILE A 118 -24.63 -12.09 13.32
C ILE A 118 -23.54 -11.79 14.33
N ASN A 119 -23.05 -12.84 14.97
CA ASN A 119 -22.15 -12.66 16.08
C ASN A 119 -21.16 -13.83 16.15
N PHE A 120 -19.84 -13.54 16.16
CA PHE A 120 -18.79 -14.53 16.41
C PHE A 120 -18.01 -14.11 17.64
N ARG A 121 -17.68 -15.08 18.49
CA ARG A 121 -16.96 -14.84 19.75
C ARG A 121 -15.79 -15.82 19.83
N PHE A 122 -14.61 -15.29 20.17
CA PHE A 122 -13.37 -16.08 20.29
C PHE A 122 -12.64 -15.68 21.57
N TYR A 123 -11.86 -16.61 22.11
CA TYR A 123 -10.92 -16.30 23.22
C TYR A 123 -9.68 -15.55 22.74
N LEU A 124 -9.18 -14.66 23.58
CA LEU A 124 -7.86 -14.07 23.40
C LEU A 124 -6.93 -14.61 24.48
N SER A 125 -5.75 -15.07 24.09
CA SER A 125 -4.75 -15.57 25.05
C SER A 125 -4.19 -14.38 25.80
N PRO A 126 -3.68 -14.60 27.02
CA PRO A 126 -3.15 -13.43 27.75
C PRO A 126 -1.84 -12.95 27.10
N GLY A 127 -1.64 -11.64 27.13
CA GLY A 127 -0.47 -11.02 26.49
C GLY A 127 -0.45 -11.01 24.95
N GLU A 128 -1.48 -11.58 24.33
CA GLU A 128 -1.65 -11.51 22.89
C GLU A 128 -1.91 -10.06 22.49
N LYS A 129 -1.20 -9.58 21.45
CA LYS A 129 -1.33 -8.22 20.95
C LYS A 129 -2.06 -8.29 19.61
N ILE A 130 -2.91 -7.30 19.34
CA ILE A 130 -3.81 -7.35 18.19
C ILE A 130 -3.78 -6.07 17.38
N LEU A 131 -3.26 -6.19 16.16
CA LEU A 131 -3.34 -5.13 15.18
C LEU A 131 -4.56 -5.37 14.33
N GLY A 132 -5.05 -4.33 13.66
CA GLY A 132 -6.14 -4.53 12.73
C GLY A 132 -7.20 -3.46 12.79
N GLY A 133 -8.28 -3.71 12.04
CA GLY A 133 -9.39 -2.76 11.93
C GLY A 133 -9.21 -1.73 10.85
N GLY A 134 -8.06 -1.75 10.18
CA GLY A 134 -7.79 -0.75 9.13
C GLY A 134 -7.46 0.60 9.71
N GLN A 135 -7.98 1.65 9.08
CA GLN A 135 -7.72 2.98 9.52
C GLN A 135 -8.44 3.28 10.84
N ARG A 136 -7.64 3.32 11.91
CA ARG A 136 -8.01 3.86 13.23
C ARG A 136 -6.77 4.55 13.82
N ILE A 137 -6.95 5.57 14.64
CA ILE A 137 -5.84 6.15 15.38
C ILE A 137 -6.10 5.93 16.87
N LEU A 138 -5.67 4.75 17.33
CA LEU A 138 -5.92 4.25 18.67
C LEU A 138 -4.71 3.60 19.40
N GLY A 139 -3.54 3.61 18.77
CA GLY A 139 -2.44 2.72 19.12
C GLY A 139 -2.36 1.49 18.23
N MET A 140 -1.13 1.00 18.04
CA MET A 140 -0.90 -0.14 17.15
C MET A 140 -1.55 -1.41 17.66
N ASP A 141 -1.42 -1.67 18.97
CA ASP A 141 -2.15 -2.78 19.62
C ASP A 141 -3.58 -2.29 19.89
N ARG A 142 -4.57 -2.84 19.17
CA ARG A 142 -5.97 -2.42 19.32
C ARG A 142 -6.73 -3.23 20.38
N ARG A 143 -6.05 -4.16 21.05
CA ARG A 143 -6.63 -4.87 22.17
C ARG A 143 -7.06 -3.89 23.26
N GLY A 144 -8.25 -4.13 23.81
CA GLY A 144 -8.87 -3.21 24.76
C GLY A 144 -9.77 -2.16 24.12
N GLN A 145 -9.98 -2.23 22.80
CA GLN A 145 -10.80 -1.26 22.06
C GLN A 145 -11.97 -1.95 21.39
N ARG A 146 -13.02 -1.17 21.18
CA ARG A 146 -14.26 -1.63 20.51
C ARG A 146 -14.52 -0.56 19.46
N PHE A 147 -14.88 -0.95 18.25
CA PHE A 147 -15.21 0.07 17.23
C PHE A 147 -16.11 -0.52 16.15
N PRO A 148 -16.83 0.35 15.42
CA PRO A 148 -17.69 -0.11 14.35
C PRO A 148 -16.94 -0.51 13.08
N LEU A 149 -17.59 -1.39 12.32
CA LEU A 149 -17.22 -1.74 10.96
C LEU A 149 -18.22 -1.04 10.06
N TYR A 150 -17.96 0.23 9.80
CA TYR A 150 -18.81 1.01 8.93
C TYR A 150 -17.99 2.19 8.39
N ASN A 151 -17.50 2.01 7.16
CA ASN A 151 -16.68 3.00 6.49
C ASN A 151 -17.41 4.35 6.54
N ARG A 152 -16.70 5.39 6.92
CA ARG A 152 -17.33 6.68 7.18
C ARG A 152 -16.26 7.78 7.24
N ALA A 153 -16.56 8.93 6.68
CA ALA A 153 -15.65 10.06 6.69
C ALA A 153 -15.30 10.55 8.11
N HIS A 154 -14.08 11.09 8.25
CA HIS A 154 -13.64 11.75 9.47
C HIS A 154 -12.88 13.00 9.09
N TYR A 155 -13.64 13.98 8.63
CA TYR A 155 -13.09 15.21 8.13
C TYR A 155 -12.26 15.91 9.19
N GLY A 156 -11.02 16.26 8.83
CA GLY A 156 -10.19 17.06 9.72
C GLY A 156 -9.68 16.31 10.92
N TYR A 157 -9.60 14.99 10.87
CA TYR A 157 -9.03 14.22 11.96
C TYR A 157 -7.59 14.64 12.23
N SER A 158 -7.11 14.28 13.42
N SER A 158 -7.11 14.29 13.42
CA SER A 158 -5.78 14.68 13.86
CA SER A 158 -5.72 14.56 13.78
C SER A 158 -5.13 13.49 14.54
C SER A 158 -5.17 13.39 14.53
N ASP A 159 -5.23 13.40 15.86
CA ASP A 159 -4.50 12.38 16.65
C ASP A 159 -5.40 11.31 17.24
N HIS A 160 -6.67 11.29 16.87
CA HIS A 160 -7.59 10.26 17.36
C HIS A 160 -8.71 9.93 16.38
N SER A 161 -9.03 8.64 16.26
CA SER A 161 -10.22 8.23 15.52
C SER A 161 -10.51 6.77 15.78
N GLY A 162 -11.75 6.48 16.19
CA GLY A 162 -12.24 5.08 16.22
C GLY A 162 -12.93 4.64 14.94
N GLN A 163 -13.09 5.53 13.97
CA GLN A 163 -13.91 5.19 12.80
C GLN A 163 -13.57 6.14 11.69
N MET A 164 -13.07 5.63 10.57
CA MET A 164 -12.77 6.52 9.44
C MET A 164 -13.03 5.85 8.09
N TYR A 165 -12.37 6.29 7.04
CA TYR A 165 -12.78 6.04 5.64
C TYR A 165 -12.71 4.57 5.24
N PHE A 166 -11.68 3.90 5.73
CA PHE A 166 -11.34 2.58 5.26
C PHE A 166 -11.03 1.69 6.47
N GLY A 167 -12.08 1.14 7.05
CA GLY A 167 -11.96 0.04 7.96
C GLY A 167 -11.79 -1.27 7.21
N LEU A 168 -11.21 -2.26 7.88
CA LEU A 168 -11.08 -3.59 7.39
C LEU A 168 -11.58 -4.52 8.50
N PRO A 169 -12.43 -5.49 8.15
CA PRO A 169 -12.93 -6.44 9.12
C PRO A 169 -11.90 -7.52 9.30
N ALA A 170 -10.72 -7.13 9.79
CA ALA A 170 -9.60 -8.08 9.91
C ALA A 170 -8.63 -7.67 10.98
N ILE A 171 -8.03 -8.67 11.61
CA ILE A 171 -6.96 -8.45 12.57
C ILE A 171 -5.72 -9.29 12.25
N MET A 172 -4.59 -8.85 12.80
CA MET A 172 -3.33 -9.60 12.80
C MET A 172 -2.91 -9.69 14.26
N SER A 173 -2.66 -10.90 14.69
CA SER A 173 -2.21 -11.16 16.05
C SER A 173 -0.70 -11.42 16.14
N SER A 174 -0.15 -11.15 17.33
CA SER A 174 1.22 -11.55 17.70
C SER A 174 1.45 -13.05 17.73
N LYS A 175 0.37 -13.84 17.66
CA LYS A 175 0.48 -15.28 17.45
C LYS A 175 0.75 -15.61 15.98
N GLN A 176 0.85 -14.59 15.13
CA GLN A 176 1.17 -14.73 13.71
C GLN A 176 0.07 -15.47 12.94
N TYR A 177 -1.17 -14.98 13.12
CA TYR A 177 -2.31 -15.31 12.28
C TYR A 177 -3.02 -14.02 11.83
N ILE A 178 -3.78 -14.12 10.74
CA ILE A 178 -4.73 -13.08 10.37
C ILE A 178 -6.12 -13.72 10.39
N LEU A 179 -7.10 -12.98 10.91
CA LEU A 179 -8.51 -13.41 10.97
C LEU A 179 -9.32 -12.40 10.17
N VAL A 180 -10.03 -12.89 9.16
CA VAL A 180 -10.91 -12.02 8.38
C VAL A 180 -12.39 -12.36 8.66
N PHE A 181 -13.17 -11.35 9.00
CA PHE A 181 -14.62 -11.44 9.10
C PHE A 181 -15.12 -11.10 7.71
N ASP A 182 -15.47 -12.13 6.94
CA ASP A 182 -15.75 -11.96 5.50
C ASP A 182 -17.17 -11.46 5.24
N ASN A 183 -17.43 -10.25 5.70
CA ASN A 183 -18.78 -9.73 5.80
C ASN A 183 -18.72 -8.26 5.48
N SER A 184 -19.65 -7.84 4.63
CA SER A 184 -19.69 -6.49 4.11
C SER A 184 -20.62 -5.52 4.83
N ALA A 185 -21.30 -5.97 5.89
CA ALA A 185 -22.38 -5.19 6.48
C ALA A 185 -21.94 -4.27 7.60
N SER A 186 -22.78 -3.28 7.90
CA SER A 186 -22.66 -2.51 9.14
C SER A 186 -22.46 -3.44 10.36
N GLY A 187 -21.35 -3.26 11.09
CA GLY A 187 -20.96 -4.20 12.12
C GLY A 187 -20.12 -3.60 13.19
N ALA A 188 -19.49 -4.44 13.98
CA ALA A 188 -18.60 -3.91 15.03
C ALA A 188 -17.54 -4.94 15.38
N MET A 189 -16.43 -4.48 15.96
CA MET A 189 -15.37 -5.35 16.44
C MET A 189 -15.05 -4.95 17.87
N ASP A 190 -14.97 -5.92 18.77
CA ASP A 190 -14.70 -5.72 20.20
C ASP A 190 -13.50 -6.56 20.54
N ILE A 191 -12.35 -5.93 20.73
CA ILE A 191 -11.11 -6.68 20.86
C ILE A 191 -10.72 -6.77 22.33
N GLY A 192 -11.41 -7.63 23.07
CA GLY A 192 -11.18 -7.74 24.52
C GLY A 192 -11.43 -6.48 25.33
N LYS A 193 -12.37 -5.66 24.86
CA LYS A 193 -12.77 -4.44 25.56
C LYS A 193 -13.86 -4.76 26.61
N THR A 194 -15.02 -5.22 26.14
CA THR A 194 -16.18 -5.53 27.02
C THR A 194 -15.80 -6.61 27.98
N GLU A 195 -15.22 -7.69 27.46
CA GLU A 195 -14.74 -8.81 28.28
C GLU A 195 -13.25 -9.05 27.95
N SER A 196 -12.38 -8.91 28.96
CA SER A 196 -10.90 -9.04 28.84
C SER A 196 -10.39 -10.00 27.76
N ASP A 197 -10.93 -11.20 27.81
CA ASP A 197 -10.43 -12.32 27.08
C ASP A 197 -11.32 -12.70 25.89
N ILE A 198 -12.14 -11.78 25.38
CA ILE A 198 -13.01 -12.11 24.25
C ILE A 198 -12.85 -11.12 23.11
N LEU A 199 -12.65 -11.69 21.93
CA LEU A 199 -12.76 -10.99 20.67
C LEU A 199 -14.13 -11.28 20.15
N GLN A 200 -14.92 -10.24 19.89
CA GLN A 200 -16.26 -10.40 19.37
C GLN A 200 -16.38 -9.66 18.06
N LEU A 201 -16.88 -10.37 17.04
CA LEU A 201 -17.22 -9.79 15.72
C LEU A 201 -18.73 -9.81 15.53
N GLU A 202 -19.32 -8.75 15.01
CA GLU A 202 -20.76 -8.70 14.84
C GLU A 202 -21.16 -7.85 13.64
N ALA A 203 -22.24 -8.25 12.97
CA ALA A 203 -22.84 -7.47 11.89
C ALA A 203 -24.39 -7.53 11.94
N LYS A 204 -25.04 -6.52 11.36
CA LYS A 204 -26.50 -6.47 11.26
C LYS A 204 -27.06 -7.51 10.28
N SER A 205 -26.26 -7.91 9.32
CA SER A 205 -26.68 -8.80 8.25
C SER A 205 -25.42 -9.26 7.48
N GLY A 206 -25.62 -9.87 6.32
CA GLY A 206 -24.52 -10.25 5.45
C GLY A 206 -23.99 -11.63 5.74
N ARG A 207 -22.88 -11.99 5.09
CA ARG A 207 -22.32 -13.35 5.12
C ARG A 207 -21.81 -13.68 6.49
N SER A 208 -22.04 -14.92 6.93
CA SER A 208 -21.63 -15.41 8.25
C SER A 208 -20.42 -16.36 8.11
N ALA A 209 -19.29 -15.74 7.81
CA ALA A 209 -18.07 -16.44 7.42
C ALA A 209 -16.86 -15.75 8.04
N TYR A 210 -15.89 -16.54 8.44
CA TYR A 210 -14.60 -16.01 8.69
C TYR A 210 -13.51 -16.80 7.96
N ILE A 211 -12.32 -16.19 7.89
CA ILE A 211 -11.17 -16.77 7.22
C ILE A 211 -10.02 -16.61 8.20
N LEU A 212 -9.34 -17.71 8.53
CA LEU A 212 -8.15 -17.70 9.35
C LEU A 212 -6.93 -18.05 8.47
N VAL A 213 -5.89 -17.20 8.51
CA VAL A 213 -4.63 -17.44 7.78
C VAL A 213 -3.48 -17.48 8.76
N ALA A 214 -2.63 -18.52 8.69
CA ALA A 214 -1.44 -18.67 9.54
C ALA A 214 -0.12 -18.44 8.78
N GLY A 215 0.94 -18.21 9.55
CA GLY A 215 2.29 -17.99 9.01
C GLY A 215 3.37 -18.35 10.03
N ASN A 216 4.55 -18.75 9.52
CA ASN A 216 5.72 -19.01 10.39
C ASN A 216 6.41 -17.71 10.80
N SER A 217 6.11 -16.62 10.11
CA SER A 217 6.71 -15.31 10.37
C SER A 217 5.77 -14.27 9.78
N TYR A 218 6.01 -13.02 10.11
CA TYR A 218 5.13 -11.97 9.64
C TYR A 218 5.19 -11.83 8.10
N PRO A 219 6.40 -11.98 7.48
CA PRO A 219 6.47 -11.99 6.01
C PRO A 219 5.73 -13.16 5.37
N SER A 220 5.87 -14.36 5.92
CA SER A 220 5.15 -15.53 5.41
C SER A 220 3.64 -15.42 5.61
N LEU A 221 3.23 -14.84 6.74
CA LEU A 221 1.82 -14.61 7.05
C LEU A 221 1.20 -13.76 5.95
N ILE A 222 1.86 -12.64 5.67
CA ILE A 222 1.41 -11.71 4.65
C ILE A 222 1.44 -12.30 3.24
N GLU A 223 2.41 -13.16 2.96
CA GLU A 223 2.46 -13.90 1.69
C GLU A 223 1.25 -14.82 1.59
N ASN A 224 0.99 -15.54 2.66
CA ASN A 224 -0.17 -16.45 2.76
C ASN A 224 -1.49 -15.71 2.62
N PHE A 225 -1.57 -14.55 3.26
CA PHE A 225 -2.78 -13.73 3.23
C PHE A 225 -3.05 -13.23 1.83
N THR A 226 -2.04 -12.62 1.19
CA THR A 226 -2.22 -12.11 -0.15
C THR A 226 -2.37 -13.24 -1.17
N GLN A 227 -1.89 -14.44 -0.86
CA GLN A 227 -2.14 -15.56 -1.76
C GLN A 227 -3.63 -15.81 -1.93
N VAL A 228 -4.38 -15.77 -0.82
CA VAL A 228 -5.83 -16.07 -0.86
C VAL A 228 -6.75 -14.87 -1.06
N THR A 229 -6.32 -13.67 -0.62
CA THR A 229 -7.12 -12.46 -0.78
C THR A 229 -6.80 -11.65 -2.03
N GLY A 230 -5.63 -11.88 -2.59
CA GLY A 230 -5.21 -11.24 -3.84
C GLY A 230 -3.90 -10.46 -3.71
N ARG A 231 -3.16 -10.44 -4.81
CA ARG A 231 -1.89 -9.74 -4.93
C ARG A 231 -2.08 -8.47 -5.71
N GLN A 232 -1.50 -7.39 -5.26
CA GLN A 232 -1.59 -6.13 -6.02
C GLN A 232 -0.80 -6.30 -7.32
N PRO A 233 -1.44 -6.00 -8.45
CA PRO A 233 -0.64 -5.99 -9.66
C PRO A 233 0.24 -4.74 -9.67
N LEU A 234 1.40 -4.87 -10.30
CA LEU A 234 2.41 -3.82 -10.28
C LEU A 234 1.79 -2.58 -10.88
N PRO A 235 1.75 -1.46 -10.14
CA PRO A 235 1.23 -0.24 -10.74
C PRO A 235 2.16 0.28 -11.82
N PRO A 236 1.72 1.24 -12.63
CA PRO A 236 2.66 1.81 -13.56
C PRO A 236 3.78 2.58 -12.80
N ARG A 237 5.00 2.52 -13.34
CA ARG A 237 6.13 3.19 -12.66
C ARG A 237 5.82 4.65 -12.35
N TRP A 238 5.06 5.30 -13.20
CA TRP A 238 4.73 6.69 -12.96
C TRP A 238 3.95 6.97 -11.67
N ALA A 239 3.32 5.95 -11.07
CA ALA A 239 2.62 6.09 -9.81
C ALA A 239 3.60 6.35 -8.65
N LEU A 240 4.87 6.05 -8.86
CA LEU A 240 5.95 6.34 -7.93
C LEU A 240 6.58 7.71 -8.15
N GLY A 241 6.04 8.49 -9.05
CA GLY A 241 6.55 9.82 -9.33
C GLY A 241 5.89 10.90 -8.52
N SER A 242 6.04 12.13 -9.00
CA SER A 242 5.59 13.32 -8.33
C SER A 242 4.25 13.71 -8.92
N PHE A 243 3.27 13.92 -8.03
CA PHE A 243 1.95 14.41 -8.42
C PHE A 243 1.76 15.88 -8.07
N ALA A 244 1.22 16.63 -9.01
CA ALA A 244 0.65 17.92 -8.76
C ALA A 244 -0.87 17.75 -8.44
N SER A 245 -1.29 18.16 -7.25
CA SER A 245 -2.68 18.05 -6.83
C SER A 245 -3.04 19.16 -5.86
N ARG A 246 -4.30 19.56 -5.93
CA ARG A 246 -4.95 20.41 -4.96
C ARG A 246 -6.47 20.20 -5.09
N PHE A 247 -7.21 20.77 -4.17
CA PHE A 247 -8.66 20.91 -4.29
C PHE A 247 -8.89 22.38 -4.40
N GLY A 248 -8.92 22.95 -5.62
CA GLY A 248 -8.77 22.26 -6.91
C GLY A 248 -8.39 23.24 -8.02
N TYR A 249 -7.77 22.77 -9.11
CA TYR A 249 -7.50 23.64 -10.28
C TYR A 249 -8.86 24.05 -10.85
N ARG A 250 -9.10 25.34 -10.96
CA ARG A 250 -10.42 25.87 -11.39
C ARG A 250 -10.59 25.97 -12.90
N SER A 251 -9.51 25.80 -13.65
CA SER A 251 -9.55 26.01 -15.08
C SER A 251 -8.38 25.32 -15.77
N GLU A 252 -8.52 25.25 -17.10
CA GLU A 252 -7.48 24.73 -17.97
C GLU A 252 -6.25 25.61 -17.88
N ALA A 253 -6.45 26.91 -17.85
CA ALA A 253 -5.34 27.85 -17.73
C ALA A 253 -4.55 27.63 -16.45
N GLU A 254 -5.27 27.46 -15.35
CA GLU A 254 -4.64 27.23 -14.06
C GLU A 254 -3.91 25.88 -14.00
N THR A 255 -4.44 24.88 -14.65
CA THR A 255 -3.83 23.56 -14.68
C THR A 255 -2.56 23.58 -15.59
N ARG A 256 -2.66 24.20 -16.76
CA ARG A 256 -1.48 24.41 -17.62
C ARG A 256 -0.38 25.24 -16.90
N ALA A 257 -0.77 26.29 -16.16
CA ALA A 257 0.18 27.07 -15.36
C ALA A 257 0.85 26.29 -14.24
N THR A 258 0.15 25.31 -13.67
CA THR A 258 0.76 24.48 -12.65
C THR A 258 1.79 23.53 -13.27
N VAL A 259 1.50 22.93 -14.44
CA VAL A 259 2.48 22.07 -15.11
C VAL A 259 3.70 22.96 -15.49
N GLN A 260 3.42 24.17 -15.96
CA GLN A 260 4.47 25.11 -16.31
C GLN A 260 5.35 25.45 -15.09
N LYS A 261 4.71 25.62 -13.93
CA LYS A 261 5.44 26.01 -12.71
C LYS A 261 6.40 24.93 -12.30
N TYR A 262 6.01 23.67 -12.44
CA TYR A 262 6.94 22.56 -12.17
C TYR A 262 8.17 22.59 -13.11
N LYS A 263 7.97 22.99 -14.37
CA LYS A 263 9.02 23.05 -15.37
C LYS A 263 9.95 24.23 -15.12
N THR A 264 9.38 25.41 -14.92
CA THR A 264 10.15 26.58 -14.62
C THR A 264 10.78 26.55 -13.21
N GLU A 265 10.29 25.71 -12.29
CA GLU A 265 10.90 25.62 -10.95
C GLU A 265 11.83 24.44 -10.80
N ASP A 266 11.97 23.67 -11.85
CA ASP A 266 12.81 22.49 -11.82
C ASP A 266 12.46 21.50 -10.71
N PHE A 267 11.18 21.20 -10.54
CA PHE A 267 10.74 20.03 -9.76
C PHE A 267 10.25 18.93 -10.66
N PRO A 268 10.62 17.68 -10.42
CA PRO A 268 10.04 16.56 -11.16
C PRO A 268 8.49 16.51 -11.08
N LEU A 269 7.86 16.04 -12.16
CA LEU A 269 6.39 15.97 -12.27
C LEU A 269 6.02 14.92 -13.26
N ASP A 270 5.31 13.89 -12.78
CA ASP A 270 4.72 12.88 -13.64
C ASP A 270 3.23 13.04 -13.95
N THR A 271 2.45 13.55 -12.98
CA THR A 271 1.00 13.49 -13.02
C THR A 271 0.35 14.70 -12.38
N ILE A 272 -0.65 15.27 -13.07
CA ILE A 272 -1.45 16.32 -12.49
C ILE A 272 -2.88 15.76 -12.26
N VAL A 273 -3.44 16.07 -11.08
CA VAL A 273 -4.72 15.50 -10.62
C VAL A 273 -5.79 16.58 -10.60
N LEU A 274 -6.92 16.32 -11.27
CA LEU A 274 -7.98 17.32 -11.42
C LEU A 274 -9.16 16.96 -10.47
N ASP A 275 -9.44 17.89 -9.55
CA ASP A 275 -10.52 17.74 -8.56
C ASP A 275 -11.84 18.22 -9.20
N LEU A 276 -12.89 18.39 -8.41
CA LEU A 276 -14.26 18.42 -8.95
C LEU A 276 -14.62 19.62 -9.84
N TYR A 277 -13.76 20.63 -9.91
CA TYR A 277 -14.01 21.73 -10.86
C TYR A 277 -13.84 21.38 -12.36
N TRP A 278 -13.30 20.19 -12.68
CA TRP A 278 -13.20 19.74 -14.06
C TRP A 278 -14.55 19.51 -14.72
N PHE A 279 -15.55 19.16 -13.89
CA PHE A 279 -16.94 19.01 -14.37
C PHE A 279 -17.97 20.08 -13.98
N GLY A 280 -17.58 21.13 -13.29
CA GLY A 280 -18.50 22.23 -13.02
C GLY A 280 -17.88 23.33 -12.21
N LYS A 281 -18.40 24.53 -12.35
CA LYS A 281 -17.79 25.72 -11.73
C LYS A 281 -17.91 25.84 -10.21
N ASP A 282 -18.80 25.08 -9.58
CA ASP A 282 -19.05 25.17 -8.12
C ASP A 282 -18.87 23.80 -7.48
N ILE A 283 -18.67 23.80 -6.16
CA ILE A 283 -18.60 22.54 -5.40
C ILE A 283 -19.96 21.81 -5.42
N LYS A 284 -21.04 22.59 -5.30
CA LYS A 284 -22.42 22.07 -5.28
C LYS A 284 -23.07 22.10 -6.63
N GLY A 285 -23.81 21.05 -6.95
CA GLY A 285 -24.81 21.12 -8.01
C GLY A 285 -24.47 20.43 -9.30
N HIS A 286 -23.20 20.08 -9.47
CA HIS A 286 -22.74 19.55 -10.77
C HIS A 286 -22.33 18.09 -10.73
N MET A 287 -22.15 17.53 -9.54
CA MET A 287 -21.66 16.18 -9.41
C MET A 287 -22.60 15.24 -10.15
N GLY A 288 -21.99 14.44 -11.04
CA GLY A 288 -22.69 13.46 -11.86
C GLY A 288 -22.63 13.84 -13.32
N ASN A 289 -22.33 15.11 -13.59
CA ASN A 289 -22.08 15.58 -14.97
C ASN A 289 -21.06 14.66 -15.69
N LEU A 290 -19.98 14.30 -14.98
CA LEU A 290 -18.90 13.45 -15.51
C LEU A 290 -18.55 13.86 -16.94
N ASP A 291 -18.29 15.14 -17.12
CA ASP A 291 -17.94 15.65 -18.41
C ASP A 291 -17.43 17.03 -18.21
N TRP A 292 -16.67 17.52 -19.18
CA TRP A 292 -15.89 18.72 -18.97
C TRP A 292 -16.77 19.92 -18.83
N ASP A 293 -16.46 20.75 -17.83
CA ASP A 293 -17.01 22.10 -17.77
C ASP A 293 -16.27 22.90 -18.83
N LYS A 294 -16.94 23.21 -19.94
CA LYS A 294 -16.29 23.76 -21.12
C LYS A 294 -16.09 25.27 -21.04
N GLU A 295 -16.82 25.94 -20.15
CA GLU A 295 -16.59 27.37 -19.91
C GLU A 295 -15.20 27.58 -19.28
N ASN A 296 -14.70 26.59 -18.51
CA ASN A 296 -13.43 26.68 -17.77
C ASN A 296 -12.30 25.74 -18.27
N PHE A 297 -12.68 24.64 -18.93
CA PHE A 297 -11.80 23.70 -19.59
C PHE A 297 -12.22 23.59 -21.07
N PRO A 298 -12.00 24.68 -21.87
CA PRO A 298 -12.49 24.73 -23.26
C PRO A 298 -11.86 23.79 -24.29
N THR A 299 -10.62 23.35 -24.08
CA THR A 299 -9.90 22.48 -25.04
C THR A 299 -9.14 21.38 -24.31
N PRO A 300 -9.86 20.45 -23.70
CA PRO A 300 -9.23 19.49 -22.82
C PRO A 300 -8.49 18.35 -23.46
N LEU A 301 -8.91 17.91 -24.66
CA LEU A 301 -8.11 16.95 -25.42
C LEU A 301 -6.73 17.55 -25.76
N ASP A 302 -6.71 18.80 -26.16
CA ASP A 302 -5.45 19.48 -26.42
C ASP A 302 -4.62 19.55 -25.14
N MET A 303 -5.26 19.91 -24.05
CA MET A 303 -4.61 20.02 -22.77
C MET A 303 -3.94 18.71 -22.39
N MET A 304 -4.67 17.62 -22.42
CA MET A 304 -4.13 16.35 -21.99
C MET A 304 -3.02 15.86 -22.93
N ALA A 305 -3.16 16.15 -24.23
CA ALA A 305 -2.15 15.77 -25.24
C ALA A 305 -0.87 16.63 -25.07
N ASP A 306 -1.05 17.94 -24.89
CA ASP A 306 0.06 18.86 -24.57
C ASP A 306 0.84 18.42 -23.34
N PHE A 307 0.14 17.95 -22.29
CA PHE A 307 0.79 17.42 -21.12
C PHE A 307 1.53 16.14 -21.43
N LYS A 308 0.91 15.24 -22.15
CA LYS A 308 1.58 13.99 -22.52
C LYS A 308 2.86 14.25 -23.37
N GLN A 309 2.87 15.29 -24.22
CA GLN A 309 4.12 15.73 -24.87
C GLN A 309 5.20 16.07 -23.84
N GLN A 310 4.83 16.67 -22.72
CA GLN A 310 5.84 16.92 -21.67
C GLN A 310 5.99 15.75 -20.68
N GLY A 311 5.48 14.57 -21.01
CA GLY A 311 5.61 13.41 -20.10
C GLY A 311 4.71 13.45 -18.88
N VAL A 312 3.65 14.26 -18.96
CA VAL A 312 2.74 14.47 -17.84
C VAL A 312 1.35 13.85 -18.11
N LYS A 313 0.95 12.98 -17.20
CA LYS A 313 -0.37 12.30 -17.19
C LYS A 313 -1.45 13.12 -16.51
N THR A 314 -2.70 12.86 -16.88
CA THR A 314 -3.88 13.51 -16.28
C THR A 314 -4.77 12.48 -15.54
N VAL A 315 -5.08 12.76 -14.28
CA VAL A 315 -5.98 11.95 -13.44
C VAL A 315 -7.22 12.78 -13.06
N LEU A 316 -8.40 12.16 -13.19
CA LEU A 316 -9.65 12.86 -12.90
C LEU A 316 -10.34 12.20 -11.70
N ILE A 317 -10.92 13.03 -10.86
CA ILE A 317 -11.82 12.63 -9.80
C ILE A 317 -13.18 12.26 -10.40
N THR A 318 -13.71 11.17 -9.90
CA THR A 318 -15.10 10.80 -10.08
C THR A 318 -15.68 10.39 -8.72
N GLU A 319 -17.00 10.50 -8.60
CA GLU A 319 -17.73 10.12 -7.36
C GLU A 319 -18.90 9.18 -7.67
N PRO A 320 -19.39 8.45 -6.65
CA PRO A 320 -20.51 7.55 -6.91
C PRO A 320 -21.88 8.23 -7.07
N PHE A 321 -21.99 9.51 -6.76
CA PHE A 321 -23.28 10.19 -6.70
C PHE A 321 -23.63 10.93 -7.98
N VAL A 322 -24.88 10.81 -8.42
CA VAL A 322 -25.42 11.63 -9.51
C VAL A 322 -26.53 12.53 -8.95
N LEU A 323 -26.32 13.84 -8.98
CA LEU A 323 -27.29 14.79 -8.50
C LEU A 323 -28.46 14.97 -9.45
N THR A 324 -29.60 15.33 -8.87
CA THR A 324 -30.80 15.57 -9.66
C THR A 324 -30.66 16.83 -10.49
N SER A 325 -29.79 17.75 -10.08
CA SER A 325 -29.46 18.95 -10.89
C SER A 325 -28.37 18.70 -11.97
N SER A 326 -27.81 17.49 -12.04
CA SER A 326 -26.75 17.18 -13.01
C SER A 326 -27.33 16.92 -14.41
N LYS A 327 -26.48 17.13 -15.43
CA LYS A 327 -26.82 16.81 -16.83
C LYS A 327 -27.18 15.34 -17.03
N ARG A 328 -26.70 14.46 -16.14
CA ARG A 328 -26.90 13.03 -16.30
C ARG A 328 -28.00 12.39 -15.42
N TRP A 329 -28.74 13.17 -14.62
CA TRP A 329 -29.86 12.59 -13.83
C TRP A 329 -30.86 11.78 -14.69
N ASP A 330 -31.47 12.43 -15.69
CA ASP A 330 -32.53 11.80 -16.50
C ASP A 330 -32.02 10.54 -17.17
N ASP A 331 -30.81 10.61 -17.74
CA ASP A 331 -30.17 9.47 -18.37
C ASP A 331 -29.87 8.33 -17.42
N ALA A 332 -29.38 8.64 -16.22
CA ALA A 332 -29.09 7.56 -15.25
C ALA A 332 -30.40 6.90 -14.78
N VAL A 333 -31.40 7.72 -14.49
CA VAL A 333 -32.75 7.19 -14.17
C VAL A 333 -33.24 6.28 -15.31
N LYS A 334 -33.24 6.83 -16.51
CA LYS A 334 -33.70 6.10 -17.68
C LYS A 334 -32.97 4.77 -17.92
N ALA A 335 -31.67 4.71 -17.64
CA ALA A 335 -30.87 3.50 -17.81
C ALA A 335 -30.94 2.55 -16.63
N LYS A 336 -31.59 2.95 -15.53
CA LYS A 336 -31.73 2.13 -14.31
C LYS A 336 -30.37 1.92 -13.67
N ALA A 337 -29.55 2.98 -13.70
CA ALA A 337 -28.17 2.89 -13.20
C ALA A 337 -28.08 3.18 -11.70
N LEU A 338 -29.07 3.91 -11.17
CA LEU A 338 -29.09 4.28 -9.75
C LEU A 338 -29.68 3.22 -8.82
N ALA A 339 -29.16 3.15 -7.60
CA ALA A 339 -29.80 2.40 -6.52
C ALA A 339 -31.24 2.90 -6.26
N LYS A 340 -32.09 1.99 -5.80
CA LYS A 340 -33.54 2.23 -5.71
C LYS A 340 -34.03 2.30 -4.27
N ASP A 341 -35.21 2.90 -4.08
CA ASP A 341 -35.93 2.78 -2.78
C ASP A 341 -36.73 1.46 -2.78
N PRO A 342 -37.35 1.09 -1.63
CA PRO A 342 -38.11 -0.16 -1.63
C PRO A 342 -39.38 -0.12 -2.52
N GLN A 343 -39.95 1.07 -2.74
CA GLN A 343 -41.01 1.27 -3.77
C GLN A 343 -40.56 0.86 -5.17
N GLY A 344 -39.28 1.10 -5.48
CA GLY A 344 -38.65 0.66 -6.76
C GLY A 344 -38.22 1.74 -7.75
N GLN A 345 -38.35 3.00 -7.35
CA GLN A 345 -37.93 4.13 -8.15
C GLN A 345 -36.49 4.56 -7.70
N PRO A 346 -35.84 5.48 -8.45
CA PRO A 346 -34.52 5.97 -8.03
C PRO A 346 -34.53 6.62 -6.65
N LYS A 347 -33.65 6.13 -5.79
CA LYS A 347 -33.49 6.68 -4.46
C LYS A 347 -32.66 7.96 -4.56
N ALA A 348 -33.24 9.06 -4.09
CA ALA A 348 -32.60 10.34 -4.03
C ALA A 348 -32.50 10.72 -2.57
N PHE A 349 -31.41 11.39 -2.19
CA PHE A 349 -31.19 11.86 -0.81
C PHE A 349 -30.31 13.10 -0.80
N GLU A 350 -30.38 13.88 0.28
CA GLU A 350 -29.68 15.16 0.35
C GLU A 350 -28.23 14.91 0.72
N LEU A 351 -27.32 15.24 -0.18
CA LEU A 351 -25.88 15.27 0.08
C LEU A 351 -25.54 16.72 0.37
N TYR A 352 -24.34 16.98 0.89
CA TYR A 352 -23.79 18.35 0.92
C TYR A 352 -23.94 19.08 -0.43
N PHE A 353 -23.62 18.35 -1.50
CA PHE A 353 -23.57 18.85 -2.88
C PHE A 353 -24.94 19.17 -3.45
N GLY A 354 -25.97 18.52 -2.88
CA GLY A 354 -27.37 18.74 -3.26
C GLY A 354 -28.12 17.42 -3.17
N ASN A 355 -29.26 17.35 -3.83
CA ASN A 355 -30.11 16.17 -3.77
C ASN A 355 -29.68 15.17 -4.87
N GLY A 356 -29.48 13.89 -4.54
CA GLY A 356 -29.01 12.96 -5.53
C GLY A 356 -29.06 11.49 -5.17
N GLY A 357 -28.64 10.67 -6.12
CA GLY A 357 -28.65 9.21 -6.01
C GLY A 357 -27.26 8.63 -6.05
N ILE A 358 -27.18 7.32 -5.93
CA ILE A 358 -25.91 6.63 -5.92
C ILE A 358 -25.94 5.57 -7.01
N ILE A 359 -24.84 5.49 -7.78
CA ILE A 359 -24.76 4.58 -8.90
C ILE A 359 -24.67 3.17 -8.35
N ASP A 360 -25.47 2.26 -8.88
CA ASP A 360 -25.47 0.89 -8.35
C ASP A 360 -24.44 0.06 -9.08
N VAL A 361 -23.22 0.05 -8.54
CA VAL A 361 -22.11 -0.72 -9.12
C VAL A 361 -22.28 -2.21 -8.93
N PHE A 362 -23.20 -2.62 -8.06
CA PHE A 362 -23.54 -4.05 -7.92
C PHE A 362 -24.52 -4.51 -9.02
N SER A 363 -25.12 -3.61 -9.79
CA SER A 363 -26.06 -4.03 -10.85
C SER A 363 -25.40 -4.06 -12.25
N LYS A 364 -25.95 -4.88 -13.14
CA LYS A 364 -25.54 -4.92 -14.55
C LYS A 364 -25.67 -3.56 -15.18
N GLU A 365 -26.81 -2.90 -14.95
CA GLU A 365 -27.15 -1.68 -15.68
C GLU A 365 -26.31 -0.49 -15.17
N GLY A 366 -26.12 -0.42 -13.86
CA GLY A 366 -25.24 0.55 -13.23
C GLY A 366 -23.80 0.36 -13.66
N SER A 367 -23.31 -0.87 -13.68
CA SER A 367 -21.93 -1.14 -14.12
C SER A 367 -21.69 -0.75 -15.57
N ARG A 368 -22.57 -1.16 -16.49
CA ARG A 368 -22.42 -0.78 -17.91
C ARG A 368 -22.52 0.71 -18.10
N TRP A 369 -23.48 1.36 -17.43
CA TRP A 369 -23.63 2.78 -17.61
C TRP A 369 -22.38 3.56 -17.16
N PHE A 370 -21.82 3.16 -16.02
CA PHE A 370 -20.72 3.89 -15.38
C PHE A 370 -19.43 3.58 -16.17
N SER A 371 -19.20 2.31 -16.45
CA SER A 371 -18.11 1.84 -17.31
C SER A 371 -18.00 2.54 -18.67
N SER A 372 -19.13 2.78 -19.31
N SER A 372 -19.12 2.79 -19.33
CA SER A 372 -19.19 3.47 -20.60
CA SER A 372 -19.12 3.49 -20.63
C SER A 372 -18.68 4.92 -20.51
C SER A 372 -18.67 4.95 -20.52
N ILE A 373 -18.96 5.58 -19.39
CA ILE A 373 -18.50 6.94 -19.14
C ILE A 373 -16.97 6.93 -18.94
N TYR A 374 -16.45 5.99 -18.16
CA TYR A 374 -15.00 5.88 -17.96
C TYR A 374 -14.29 5.60 -19.31
N LYS A 375 -14.91 4.72 -20.11
CA LYS A 375 -14.40 4.40 -21.43
C LYS A 375 -14.31 5.65 -22.32
N ASP A 376 -15.36 6.44 -22.37
CA ASP A 376 -15.34 7.62 -23.22
C ASP A 376 -14.22 8.61 -22.78
N LEU A 377 -14.11 8.86 -21.48
CA LEU A 377 -13.12 9.82 -20.98
C LEU A 377 -11.70 9.28 -21.13
N SER A 378 -11.50 7.98 -20.94
CA SER A 378 -10.19 7.40 -21.11
C SER A 378 -9.73 7.47 -22.57
N LYS A 379 -10.68 7.38 -23.50
CA LYS A 379 -10.40 7.50 -24.92
C LYS A 379 -9.94 8.93 -25.22
N GLN A 380 -10.42 9.90 -24.47
CA GLN A 380 -10.05 11.30 -24.67
C GLN A 380 -8.62 11.64 -24.21
N GLY A 381 -8.00 10.80 -23.40
CA GLY A 381 -6.65 11.05 -22.88
C GLY A 381 -6.41 10.84 -21.41
N VAL A 382 -7.45 10.57 -20.62
CA VAL A 382 -7.29 10.39 -19.18
C VAL A 382 -6.49 9.13 -18.92
N ALA A 383 -5.43 9.26 -18.12
CA ALA A 383 -4.48 8.20 -17.85
C ALA A 383 -4.75 7.39 -16.64
N GLY A 384 -5.45 7.99 -15.68
CA GLY A 384 -5.77 7.31 -14.44
C GLY A 384 -6.93 7.96 -13.74
N TRP A 385 -7.38 7.30 -12.69
CA TRP A 385 -8.65 7.65 -12.04
C TRP A 385 -8.58 7.76 -10.53
N TRP A 386 -9.29 8.76 -10.05
CA TRP A 386 -9.42 9.02 -8.65
C TRP A 386 -10.92 8.81 -8.29
N GLY A 387 -11.21 7.79 -7.50
CA GLY A 387 -12.59 7.52 -7.07
C GLY A 387 -12.78 7.97 -5.64
N ASN A 388 -13.48 9.07 -5.43
CA ASN A 388 -13.60 9.65 -4.10
C ASN A 388 -15.03 9.39 -3.57
N LEU A 389 -15.18 9.38 -2.23
CA LEU A 389 -16.46 9.29 -1.52
C LEU A 389 -17.10 7.90 -1.57
N GLY A 390 -16.29 6.86 -1.70
CA GLY A 390 -16.79 5.49 -1.88
C GLY A 390 -17.09 4.70 -0.60
N GLU A 391 -17.22 5.39 0.53
CA GLU A 391 -17.54 4.75 1.82
C GLU A 391 -18.83 3.90 1.76
N PRO A 392 -19.91 4.31 1.06
CA PRO A 392 -20.10 5.62 0.43
C PRO A 392 -20.32 6.70 1.47
N GLU A 393 -19.98 7.94 1.15
CA GLU A 393 -19.96 9.00 2.17
C GLU A 393 -21.35 9.22 2.82
N MET A 394 -22.40 9.20 2.02
CA MET A 394 -23.77 9.10 2.55
C MET A 394 -24.42 7.91 1.88
N HIS A 395 -25.15 7.14 2.67
CA HIS A 395 -25.68 5.87 2.24
C HIS A 395 -26.88 5.46 3.10
N PRO A 396 -28.06 6.09 2.89
CA PRO A 396 -29.26 5.77 3.70
C PRO A 396 -29.62 4.28 3.73
N GLU A 397 -29.99 3.78 4.92
CA GLU A 397 -30.22 2.35 5.16
C GLU A 397 -31.23 1.64 4.25
N ASP A 398 -32.24 2.36 3.80
CA ASP A 398 -33.25 1.82 2.85
C ASP A 398 -32.89 1.94 1.34
N THR A 399 -31.68 2.40 1.02
CA THR A 399 -31.18 2.34 -0.34
C THR A 399 -31.00 0.87 -0.66
N GLN A 400 -31.43 0.46 -1.85
CA GLN A 400 -31.42 -0.95 -2.28
C GLN A 400 -30.52 -1.10 -3.49
N HIS A 401 -29.54 -1.97 -3.38
CA HIS A 401 -28.64 -2.30 -4.49
C HIS A 401 -29.11 -3.63 -5.00
N ALA A 402 -28.70 -3.97 -6.22
CA ALA A 402 -29.12 -5.22 -6.84
C ALA A 402 -28.97 -6.45 -5.93
N ILE A 403 -27.98 -6.49 -5.04
CA ILE A 403 -27.75 -7.68 -4.21
C ILE A 403 -28.06 -7.49 -2.72
N GLY A 404 -28.59 -6.34 -2.32
CA GLY A 404 -28.87 -6.11 -0.90
C GLY A 404 -29.07 -4.67 -0.57
N ASP A 405 -29.48 -4.41 0.66
CA ASP A 405 -29.66 -3.03 1.12
C ASP A 405 -28.31 -2.38 1.56
N ALA A 406 -28.35 -1.07 1.74
CA ALA A 406 -27.17 -0.26 2.05
C ALA A 406 -26.37 -0.82 3.20
N ASP A 407 -27.07 -1.14 4.30
CA ASP A 407 -26.40 -1.63 5.50
C ASP A 407 -25.81 -3.00 5.35
N THR A 408 -26.31 -3.78 4.38
CA THR A 408 -25.78 -5.10 4.13
C THR A 408 -24.50 -5.05 3.24
N VAL A 409 -24.50 -4.20 2.20
CA VAL A 409 -23.40 -4.09 1.22
C VAL A 409 -22.37 -2.95 1.45
N HIS A 410 -22.61 -2.08 2.44
CA HIS A 410 -21.88 -0.84 2.66
C HIS A 410 -20.35 -0.90 2.47
N ASN A 411 -19.71 -1.79 3.21
CA ASN A 411 -18.27 -1.84 3.29
C ASN A 411 -17.60 -2.49 2.08
N ALA A 412 -18.39 -2.92 1.08
CA ALA A 412 -17.91 -3.50 -0.16
C ALA A 412 -18.22 -2.68 -1.37
N TYR A 413 -18.89 -1.54 -1.20
CA TYR A 413 -19.28 -0.69 -2.33
C TYR A 413 -18.03 -0.22 -3.13
N GLY A 414 -17.05 0.34 -2.42
CA GLY A 414 -15.81 0.86 -3.02
C GLY A 414 -14.98 -0.23 -3.66
N HIS A 415 -14.93 -1.38 -3.00
CA HIS A 415 -14.35 -2.63 -3.48
C HIS A 415 -14.91 -3.03 -4.84
N ARG A 416 -16.22 -2.97 -4.97
CA ARG A 416 -16.85 -3.35 -6.24
C ARG A 416 -16.68 -2.26 -7.29
N TRP A 417 -16.67 -1.01 -6.84
CA TRP A 417 -16.38 0.12 -7.74
C TRP A 417 -14.97 -0.06 -8.37
N ALA A 418 -14.00 -0.46 -7.57
CA ALA A 418 -12.64 -0.71 -8.02
C ALA A 418 -12.59 -1.85 -9.02
N GLU A 419 -13.25 -2.95 -8.69
CA GLU A 419 -13.28 -4.11 -9.56
C GLU A 419 -13.86 -3.77 -10.92
N MET A 420 -15.02 -3.10 -10.91
CA MET A 420 -15.67 -2.65 -12.11
C MET A 420 -14.68 -1.81 -13.00
N LEU A 421 -13.99 -0.88 -12.34
CA LEU A 421 -13.16 0.11 -13.03
C LEU A 421 -11.86 -0.56 -13.52
N TYR A 422 -11.29 -1.46 -12.72
CA TYR A 422 -10.14 -2.23 -13.10
C TYR A 422 -10.41 -3.09 -14.33
N GLN A 423 -11.41 -3.99 -14.28
CA GLN A 423 -11.83 -4.78 -15.44
C GLN A 423 -12.08 -3.90 -16.68
N GLN A 424 -12.72 -2.76 -16.50
CA GLN A 424 -13.00 -1.88 -17.61
C GLN A 424 -11.70 -1.34 -18.24
N GLN A 425 -10.74 -0.93 -17.41
CA GLN A 425 -9.48 -0.33 -17.91
C GLN A 425 -8.63 -1.39 -18.59
N LEU A 426 -8.56 -2.59 -18.02
CA LEU A 426 -7.88 -3.72 -18.65
C LEU A 426 -8.49 -4.14 -19.98
N ASP A 427 -9.81 -4.00 -20.11
CA ASP A 427 -10.49 -4.35 -21.32
C ASP A 427 -10.21 -3.29 -22.39
N GLN A 428 -10.28 -2.01 -22.04
CA GLN A 428 -9.97 -0.93 -22.98
C GLN A 428 -8.49 -0.83 -23.40
N PHE A 429 -7.59 -1.00 -22.43
CA PHE A 429 -6.13 -0.84 -22.61
C PHE A 429 -5.42 -2.06 -22.04
N PRO A 430 -5.50 -3.19 -22.77
CA PRO A 430 -4.86 -4.42 -22.27
C PRO A 430 -3.33 -4.34 -22.12
N GLU A 431 -2.68 -3.35 -22.75
CA GLU A 431 -1.23 -3.20 -22.61
C GLU A 431 -0.80 -2.14 -21.60
N LEU A 432 -1.74 -1.60 -20.83
CA LEU A 432 -1.42 -0.67 -19.77
C LEU A 432 -1.86 -1.15 -18.39
N ARG A 433 -1.20 -0.57 -17.39
CA ARG A 433 -1.52 -0.82 -16.00
C ARG A 433 -2.54 0.21 -15.47
N PRO A 434 -3.70 -0.25 -14.99
CA PRO A 434 -4.64 0.73 -14.45
C PRO A 434 -4.10 1.45 -13.21
N PHE A 435 -4.37 2.76 -13.16
CA PHE A 435 -4.17 3.59 -11.99
C PHE A 435 -5.54 3.99 -11.40
N ILE A 436 -5.84 3.42 -10.24
CA ILE A 436 -7.12 3.59 -9.54
C ILE A 436 -6.86 4.05 -8.08
N MET A 437 -7.14 5.30 -7.77
CA MET A 437 -6.92 5.80 -6.43
C MET A 437 -8.27 5.94 -5.70
N MET A 438 -8.42 5.24 -4.59
CA MET A 438 -9.71 5.26 -3.85
C MET A 438 -9.54 5.35 -2.33
N ARG A 439 -10.60 5.86 -1.71
CA ARG A 439 -10.64 6.22 -0.29
C ARG A 439 -11.16 5.11 0.60
N ALA A 440 -11.85 4.14 -0.01
CA ALA A 440 -12.57 3.12 0.75
C ALA A 440 -12.66 1.85 -0.05
N GLY A 441 -12.43 0.72 0.64
CA GLY A 441 -12.53 -0.58 0.01
C GLY A 441 -12.80 -1.65 1.05
N PHE A 442 -12.42 -2.86 0.70
CA PHE A 442 -12.62 -4.02 1.54
C PHE A 442 -11.35 -4.87 1.49
N VAL A 443 -11.26 -5.88 2.34
CA VAL A 443 -10.19 -6.86 2.24
C VAL A 443 -10.15 -7.40 0.80
N GLY A 444 -8.95 -7.44 0.23
CA GLY A 444 -8.74 -7.91 -1.13
C GLY A 444 -8.86 -6.89 -2.25
N SER A 445 -9.25 -5.65 -1.94
CA SER A 445 -9.36 -4.61 -2.95
C SER A 445 -8.02 -4.33 -3.64
N GLN A 446 -6.90 -4.68 -3.00
CA GLN A 446 -5.57 -4.60 -3.63
C GLN A 446 -5.48 -5.39 -4.96
N ARG A 447 -6.25 -6.47 -5.11
N ARG A 447 -6.26 -6.47 -5.09
CA ARG A 447 -6.23 -7.25 -6.34
CA ARG A 447 -6.27 -7.27 -6.33
C ARG A 447 -6.85 -6.50 -7.53
C ARG A 447 -6.85 -6.49 -7.52
N TYR A 448 -7.54 -5.39 -7.26
CA TYR A 448 -8.04 -4.50 -8.29
C TYR A 448 -7.19 -3.24 -8.48
N GLY A 449 -5.97 -3.27 -7.95
CA GLY A 449 -5.06 -2.17 -8.05
C GLY A 449 -5.37 -0.96 -7.17
N MET A 450 -6.18 -1.11 -6.11
CA MET A 450 -6.59 0.06 -5.34
C MET A 450 -5.40 0.69 -4.64
N ILE A 451 -5.22 1.97 -4.87
CA ILE A 451 -4.24 2.77 -4.17
C ILE A 451 -4.99 3.71 -3.20
N PRO A 452 -5.01 3.35 -1.90
CA PRO A 452 -5.75 4.19 -0.95
C PRO A 452 -4.93 5.32 -0.36
N TRP A 453 -5.63 6.39 -0.01
CA TRP A 453 -5.08 7.46 0.80
C TRP A 453 -5.95 7.67 2.07
N THR A 454 -5.35 8.31 3.08
CA THR A 454 -5.93 8.46 4.43
C THR A 454 -6.87 9.66 4.58
N GLY A 455 -7.61 10.02 3.54
CA GLY A 455 -8.63 11.03 3.60
C GLY A 455 -8.23 12.46 3.96
N ASP A 456 -9.20 13.15 4.54
CA ASP A 456 -9.15 14.57 4.72
C ASP A 456 -8.44 15.02 6.02
N VAL A 457 -7.16 14.65 6.14
CA VAL A 457 -6.37 14.93 7.34
C VAL A 457 -6.26 16.42 7.59
N SER A 458 -6.32 16.81 8.86
CA SER A 458 -6.16 18.22 9.21
C SER A 458 -4.73 18.68 8.91
N ARG A 459 -4.57 19.98 8.71
CA ARG A 459 -3.23 20.60 8.60
C ARG A 459 -2.60 20.85 9.98
N THR A 460 -2.40 19.78 10.74
CA THR A 460 -1.82 19.84 12.06
C THR A 460 -0.72 18.76 12.22
N TRP A 461 0.18 19.05 13.16
CA TRP A 461 1.21 18.10 13.56
C TRP A 461 0.61 16.76 13.96
N GLY A 462 -0.52 16.79 14.64
CA GLY A 462 -1.19 15.56 15.03
C GLY A 462 -1.66 14.77 13.81
N GLY A 463 -2.11 15.48 12.77
CA GLY A 463 -2.43 14.83 11.49
C GLY A 463 -1.23 14.07 10.90
N LEU A 464 -0.06 14.70 10.93
CA LEU A 464 1.17 14.07 10.46
C LEU A 464 1.59 12.94 11.36
N ALA A 465 1.51 13.16 12.66
CA ALA A 465 1.97 12.18 13.66
C ALA A 465 1.18 10.87 13.61
N SER A 466 -0.02 10.89 13.04
CA SER A 466 -0.82 9.70 12.88
C SER A 466 -0.57 8.89 11.63
N GLN A 467 0.15 9.44 10.65
CA GLN A 467 0.23 8.79 9.32
C GLN A 467 0.99 7.46 9.30
N VAL A 468 2.02 7.30 10.14
CA VAL A 468 2.79 6.06 10.13
C VAL A 468 1.90 4.95 10.68
N GLU A 469 1.15 5.24 11.75
CA GLU A 469 0.27 4.23 12.35
C GLU A 469 -0.74 3.77 11.30
N LEU A 470 -1.38 4.73 10.64
CA LEU A 470 -2.34 4.43 9.60
C LEU A 470 -1.74 3.62 8.45
N ALA A 471 -0.52 3.97 8.04
CA ALA A 471 0.11 3.29 6.92
C ALA A 471 0.46 1.88 7.25
N LEU A 472 0.99 1.66 8.44
CA LEU A 472 1.41 0.32 8.80
C LEU A 472 0.20 -0.60 8.99
N GLN A 473 -0.87 -0.08 9.58
CA GLN A 473 -2.07 -0.90 9.81
C GLN A 473 -2.65 -1.37 8.47
N MET A 474 -2.67 -0.50 7.47
CA MET A 474 -3.18 -0.85 6.15
C MET A 474 -2.21 -1.74 5.34
N SER A 475 -0.90 -1.48 5.50
CA SER A 475 0.16 -2.21 4.80
C SER A 475 0.21 -3.63 5.25
N LEU A 476 0.04 -3.85 6.55
CA LEU A 476 0.04 -5.19 7.10
C LEU A 476 -1.11 -6.12 6.60
N LEU A 477 -2.18 -5.51 6.11
CA LEU A 477 -3.36 -6.21 5.65
C LEU A 477 -3.66 -5.96 4.16
N GLY A 478 -2.60 -5.76 3.39
CA GLY A 478 -2.65 -5.88 1.95
C GLY A 478 -2.50 -4.64 1.10
N PHE A 479 -2.33 -3.46 1.72
CA PHE A 479 -2.40 -2.21 0.97
C PHE A 479 -1.05 -1.46 0.96
N GLY A 480 -0.19 -1.87 0.04
CA GLY A 480 1.19 -1.38 -0.01
C GLY A 480 1.35 0.07 -0.35
N TYR A 481 0.36 0.62 -1.06
CA TYR A 481 0.40 1.98 -1.58
C TYR A 481 -0.44 2.99 -0.82
N ILE A 482 -0.82 2.64 0.40
CA ILE A 482 -1.41 3.57 1.35
C ILE A 482 -0.49 4.79 1.54
N HIS A 483 -1.09 5.98 1.47
CA HIS A 483 -0.33 7.23 1.61
C HIS A 483 -1.22 8.32 2.15
N SER A 484 -0.66 9.52 2.35
CA SER A 484 -1.41 10.65 2.86
C SER A 484 -1.38 11.80 1.89
N ASP A 485 -2.34 12.71 2.05
CA ASP A 485 -2.30 14.01 1.42
C ASP A 485 -1.12 14.79 2.01
N LEU A 486 -0.01 14.81 1.28
CA LEU A 486 1.20 15.42 1.83
C LEU A 486 1.05 16.93 2.08
N GLY A 487 1.48 17.34 3.27
CA GLY A 487 1.29 18.70 3.77
C GLY A 487 0.00 18.92 4.54
N GLY A 488 -0.90 17.94 4.51
CA GLY A 488 -2.23 18.09 5.07
C GLY A 488 -3.23 18.77 4.16
N PHE A 489 -4.48 18.40 4.36
CA PHE A 489 -5.57 18.74 3.47
C PHE A 489 -6.53 19.79 3.99
N ALA A 490 -7.07 19.54 5.20
CA ALA A 490 -8.27 20.26 5.72
C ALA A 490 -8.00 21.55 6.49
N ASP A 491 -8.76 22.59 6.16
CA ASP A 491 -8.85 23.86 6.91
C ASP A 491 -7.50 24.53 6.96
N GLY A 492 -7.12 25.13 8.11
CA GLY A 492 -5.94 26.00 8.20
C GLY A 492 -6.31 27.33 7.60
N GLU A 493 -5.65 28.39 8.03
CA GLU A 493 -5.78 29.68 7.34
C GLU A 493 -4.44 30.19 6.78
N THR A 494 -3.32 29.66 7.24
CA THR A 494 -2.03 30.09 6.72
C THR A 494 -1.12 28.89 6.84
N LEU A 495 -0.17 28.79 5.92
CA LEU A 495 0.71 27.61 5.85
C LEU A 495 1.52 27.46 7.14
N ASP A 496 1.53 26.26 7.71
CA ASP A 496 2.45 25.96 8.78
C ASP A 496 3.71 25.39 8.08
N LYS A 497 4.68 26.27 7.84
CA LYS A 497 5.80 25.98 6.96
C LYS A 497 6.63 24.83 7.48
N GLU A 498 6.93 24.85 8.77
CA GLU A 498 7.72 23.77 9.33
C GLU A 498 7.03 22.40 9.24
N MET A 499 5.74 22.35 9.55
CA MET A 499 4.98 21.09 9.44
C MET A 499 4.93 20.61 7.97
N TYR A 500 4.72 21.54 7.06
CA TYR A 500 4.64 21.23 5.64
C TYR A 500 5.94 20.60 5.14
N ILE A 501 7.08 21.21 5.49
CA ILE A 501 8.39 20.71 5.12
C ILE A 501 8.56 19.31 5.64
N ARG A 502 8.30 19.14 6.93
CA ARG A 502 8.42 17.82 7.55
C ARG A 502 7.54 16.74 6.89
N TRP A 503 6.36 17.15 6.44
CA TRP A 503 5.39 16.22 5.87
C TRP A 503 5.89 15.82 4.48
N LEU A 504 6.38 16.77 3.70
CA LEU A 504 6.91 16.44 2.38
C LEU A 504 8.26 15.74 2.43
N GLN A 505 8.98 15.81 3.56
CA GLN A 505 10.22 15.01 3.76
C GLN A 505 9.88 13.55 4.03
N TYR A 506 8.92 13.34 4.94
CA TYR A 506 8.37 12.04 5.19
C TYR A 506 7.82 11.48 3.87
N GLY A 507 7.16 12.32 3.09
CA GLY A 507 6.65 11.95 1.76
C GLY A 507 7.54 11.08 0.90
N VAL A 508 8.84 11.36 0.94
CA VAL A 508 9.85 10.70 0.12
C VAL A 508 9.95 9.24 0.46
N PHE A 509 9.73 8.94 1.73
CA PHE A 509 9.90 7.59 2.28
C PHE A 509 8.56 6.94 2.62
N GLN A 510 7.54 7.28 1.84
CA GLN A 510 6.30 6.58 1.89
C GLN A 510 5.71 6.41 0.47
N PRO A 511 4.68 5.53 0.32
CA PRO A 511 4.40 4.98 -1.02
C PRO A 511 4.06 5.86 -2.23
N VAL A 512 3.31 6.96 -2.09
CA VAL A 512 2.89 7.77 -3.24
C VAL A 512 3.13 9.23 -2.89
N TYR A 513 3.83 9.94 -3.80
CA TYR A 513 4.27 11.32 -3.53
C TYR A 513 3.22 12.30 -4.05
N ARG A 514 2.17 12.49 -3.23
CA ARG A 514 1.04 13.29 -3.62
C ARG A 514 0.66 14.34 -2.56
N PRO A 515 1.28 15.52 -2.62
CA PRO A 515 0.80 16.65 -1.82
C PRO A 515 -0.55 17.08 -2.35
N HIS A 516 -1.46 17.39 -1.42
CA HIS A 516 -2.85 17.69 -1.77
C HIS A 516 -3.52 18.41 -0.62
N GLY A 517 -4.14 19.55 -0.89
CA GLY A 517 -4.87 20.28 0.13
C GLY A 517 -5.83 21.27 -0.46
N GLN A 518 -6.67 21.80 0.40
CA GLN A 518 -7.67 22.77 -0.02
C GLN A 518 -6.93 24.00 -0.44
N ASP A 519 -7.36 24.59 -1.54
CA ASP A 519 -6.53 25.52 -2.30
C ASP A 519 -6.43 26.95 -1.78
N HIS A 520 -7.00 27.24 -0.60
CA HIS A 520 -6.71 28.50 0.08
C HIS A 520 -5.26 28.52 0.62
N ILE A 521 -4.66 27.36 0.78
CA ILE A 521 -3.22 27.24 1.06
C ILE A 521 -2.62 26.26 0.01
N PRO A 522 -1.54 26.66 -0.68
CA PRO A 522 -0.95 25.79 -1.72
C PRO A 522 -0.39 24.51 -1.18
N SER A 523 -0.78 23.41 -1.81
CA SER A 523 -0.28 22.09 -1.47
C SER A 523 0.95 21.72 -2.31
N GLU A 524 1.12 22.34 -3.49
CA GLU A 524 2.24 21.95 -4.38
C GLU A 524 3.60 22.59 -3.96
N PRO A 525 4.69 21.81 -3.94
CA PRO A 525 5.99 22.37 -3.47
C PRO A 525 6.51 23.50 -4.31
N VAL A 526 6.09 23.57 -5.57
CA VAL A 526 6.53 24.62 -6.48
C VAL A 526 5.99 26.00 -6.14
N PHE A 527 4.92 26.03 -5.34
CA PHE A 527 4.31 27.28 -4.93
C PHE A 527 4.76 27.74 -3.54
N GLN A 528 5.85 27.17 -3.02
CA GLN A 528 6.35 27.50 -1.70
C GLN A 528 7.44 28.59 -1.78
N ASP A 529 7.92 29.09 -0.63
CA ASP A 529 8.94 30.16 -0.65
C ASP A 529 10.32 29.55 -0.99
N GLU A 530 11.32 30.41 -1.21
CA GLU A 530 12.65 29.96 -1.64
C GLU A 530 13.29 28.98 -0.65
N GLU A 531 13.20 29.25 0.64
CA GLU A 531 13.80 28.32 1.61
C GLU A 531 13.17 26.91 1.53
N THR A 532 11.84 26.88 1.39
CA THR A 532 11.11 25.61 1.33
C THR A 532 11.49 24.82 0.09
N LYS A 533 11.54 25.51 -1.05
CA LYS A 533 11.92 24.85 -2.31
C LYS A 533 13.38 24.42 -2.31
N ALA A 534 14.26 25.16 -1.62
CA ALA A 534 15.68 24.75 -1.57
C ALA A 534 15.86 23.51 -0.73
N ILE A 535 14.98 23.33 0.26
CA ILE A 535 14.95 22.09 1.03
C ILE A 535 14.34 20.92 0.23
N LEU A 536 13.18 21.13 -0.36
CA LEU A 536 12.39 20.03 -0.92
C LEU A 536 12.82 19.65 -2.35
N ARG A 537 13.30 20.58 -3.16
CA ARG A 537 13.69 20.26 -4.51
C ARG A 537 14.68 19.10 -4.59
N PRO A 538 15.76 19.11 -3.78
CA PRO A 538 16.65 17.94 -3.85
C PRO A 538 16.07 16.64 -3.30
N LEU A 539 15.06 16.74 -2.45
CA LEU A 539 14.41 15.53 -1.92
C LEU A 539 13.42 14.93 -2.91
N VAL A 540 12.74 15.75 -3.69
CA VAL A 540 11.87 15.25 -4.73
C VAL A 540 12.74 14.63 -5.86
N LYS A 541 13.87 15.27 -6.18
CA LYS A 541 14.84 14.62 -7.07
C LYS A 541 15.35 13.34 -6.49
N LEU A 542 15.63 13.31 -5.20
CA LEU A 542 16.05 12.04 -4.58
C LEU A 542 15.04 10.90 -4.76
N ARG A 543 13.78 11.21 -4.58
CA ARG A 543 12.70 10.25 -4.82
C ARG A 543 12.85 9.60 -6.23
N TYR A 544 13.11 10.43 -7.24
CA TYR A 544 13.37 9.94 -8.61
C TYR A 544 14.68 9.15 -8.77
N ARG A 545 15.73 9.57 -8.07
CA ARG A 545 17.01 8.89 -8.12
C ARG A 545 16.89 7.51 -7.47
N MET A 546 16.00 7.40 -6.48
CA MET A 546 15.76 6.16 -5.76
C MET A 546 14.71 5.24 -6.41
N LEU A 547 14.13 5.63 -7.54
CA LEU A 547 13.16 4.76 -8.22
C LEU A 547 13.59 3.33 -8.35
N PRO A 548 14.89 3.02 -8.60
CA PRO A 548 15.18 1.57 -8.64
C PRO A 548 14.94 0.84 -7.34
N TYR A 549 15.20 1.51 -6.21
CA TYR A 549 14.96 0.95 -4.87
C TYR A 549 13.45 0.78 -4.62
N ILE A 550 12.68 1.80 -4.98
CA ILE A 550 11.26 1.88 -4.70
C ILE A 550 10.49 0.89 -5.58
N TYR A 551 10.77 0.94 -6.88
CA TYR A 551 10.18 0.05 -7.85
C TYR A 551 10.51 -1.40 -7.61
N THR A 552 11.69 -1.70 -7.09
CA THR A 552 12.01 -3.06 -6.65
C THR A 552 11.21 -3.55 -5.41
N ALA A 553 10.97 -2.64 -4.45
CA ALA A 553 10.06 -2.91 -3.32
C ALA A 553 8.63 -3.20 -3.83
N ALA A 554 8.20 -2.43 -4.81
CA ALA A 554 6.92 -2.62 -5.49
C ALA A 554 6.79 -3.97 -6.15
N TYR A 555 7.80 -4.33 -6.93
CA TYR A 555 7.91 -5.67 -7.47
C TYR A 555 7.81 -6.77 -6.40
N GLN A 556 8.49 -6.62 -5.28
CA GLN A 556 8.38 -7.60 -4.18
C GLN A 556 6.97 -7.65 -3.56
N ASN A 557 6.30 -6.50 -3.50
CA ASN A 557 4.91 -6.42 -3.06
C ASN A 557 3.98 -7.22 -3.98
N THR A 558 4.15 -7.05 -5.29
CA THR A 558 3.40 -7.81 -6.27
C THR A 558 3.66 -9.32 -6.13
N LEU A 559 4.91 -9.72 -5.90
CA LEU A 559 5.23 -11.14 -5.73
C LEU A 559 4.75 -11.79 -4.44
N THR A 560 4.88 -11.09 -3.31
CA THR A 560 4.69 -11.69 -1.99
C THR A 560 3.78 -10.94 -1.01
N GLY A 561 3.20 -9.82 -1.42
CA GLY A 561 2.49 -8.96 -0.48
C GLY A 561 3.36 -8.13 0.46
N MET A 562 4.69 -8.28 0.43
CA MET A 562 5.57 -7.56 1.35
C MET A 562 5.29 -6.09 1.16
N PRO A 563 4.87 -5.39 2.21
CA PRO A 563 4.58 -3.98 2.01
C PRO A 563 5.83 -3.15 1.85
N LEU A 564 5.69 -1.95 1.32
CA LEU A 564 6.81 -1.05 1.12
C LEU A 564 7.28 -0.51 2.47
N MET A 565 6.33 -0.03 3.28
CA MET A 565 6.60 0.37 4.69
C MET A 565 6.41 -0.87 5.54
N ARG A 566 7.42 -1.23 6.35
CA ARG A 566 7.32 -2.35 7.30
C ARG A 566 7.49 -1.80 8.72
N PRO A 567 6.75 -2.37 9.69
CA PRO A 567 6.90 -1.89 11.06
C PRO A 567 8.22 -2.33 11.68
N LEU A 568 8.66 -1.56 12.67
CA LEU A 568 9.81 -1.91 13.48
C LEU A 568 9.75 -3.34 14.03
N PHE A 569 8.56 -3.85 14.33
CA PHE A 569 8.48 -5.21 14.91
C PHE A 569 8.89 -6.36 14.01
N PHE A 570 8.99 -6.12 12.71
CA PHE A 570 9.59 -7.11 11.79
C PHE A 570 11.06 -7.45 12.16
N SER A 571 11.77 -6.50 12.75
CA SER A 571 13.19 -6.66 13.12
C SER A 571 13.44 -7.68 14.22
N ASP A 572 12.42 -8.03 15.00
CA ASP A 572 12.58 -9.00 16.08
C ASP A 572 11.20 -9.57 16.44
N GLU A 573 10.92 -10.76 15.90
CA GLU A 573 9.63 -11.41 16.07
C GLU A 573 9.36 -11.93 17.47
N LYS A 574 10.40 -12.19 18.24
CA LYS A 574 10.26 -12.65 19.62
C LYS A 574 10.26 -11.51 20.66
N ASN A 575 10.10 -10.25 20.23
CA ASN A 575 9.95 -9.10 21.16
C ASN A 575 8.62 -8.40 20.80
N PRO A 576 7.52 -8.84 21.45
CA PRO A 576 6.22 -8.24 21.12
C PRO A 576 6.08 -6.75 21.54
N ALA A 577 6.85 -6.29 22.53
CA ALA A 577 6.81 -4.86 22.90
C ALA A 577 7.09 -3.85 21.75
N LEU A 578 7.83 -4.30 20.73
CA LEU A 578 8.07 -3.50 19.52
C LEU A 578 6.82 -3.25 18.69
N ILE A 579 5.84 -4.15 18.77
CA ILE A 579 4.54 -3.92 18.11
C ILE A 579 3.94 -2.51 18.38
N ASP A 580 4.14 -1.95 19.58
CA ASP A 580 3.62 -0.61 19.91
C ASP A 580 4.23 0.55 19.14
N ASN A 581 5.43 0.38 18.58
CA ASN A 581 6.13 1.49 17.94
C ASN A 581 5.39 1.94 16.66
N LYS A 582 5.16 3.25 16.57
CA LYS A 582 4.55 3.86 15.40
C LYS A 582 5.25 5.17 15.02
N THR A 583 6.52 5.31 15.41
CA THR A 583 7.31 6.51 15.13
C THR A 583 8.56 6.18 14.24
N SER A 584 8.99 4.91 14.20
CA SER A 584 10.10 4.44 13.34
C SER A 584 9.59 3.30 12.48
N TYR A 585 9.90 3.30 11.19
CA TYR A 585 9.55 2.17 10.28
C TYR A 585 10.64 1.92 9.20
N PHE A 586 10.58 0.75 8.60
CA PHE A 586 11.38 0.39 7.42
C PHE A 586 10.73 0.85 6.09
N TRP A 587 11.47 1.63 5.31
CA TRP A 587 11.17 1.91 3.90
C TRP A 587 12.04 0.95 3.12
N GLY A 588 11.40 -0.02 2.50
CA GLY A 588 12.06 -1.18 1.90
C GLY A 588 12.83 -1.98 2.93
N ASP A 589 13.79 -2.80 2.48
CA ASP A 589 14.62 -3.65 3.37
C ASP A 589 15.65 -2.92 4.22
N SER A 590 16.09 -1.75 3.77
CA SER A 590 17.39 -1.21 4.22
C SER A 590 17.39 0.10 4.98
N LEU A 591 16.30 0.89 4.92
CA LEU A 591 16.25 2.18 5.55
C LEU A 591 15.28 2.19 6.72
N LEU A 592 15.77 2.57 7.89
CA LEU A 592 14.96 2.87 9.08
C LEU A 592 14.71 4.38 9.16
N VAL A 593 13.45 4.77 8.98
CA VAL A 593 13.04 6.16 8.89
C VAL A 593 12.33 6.54 10.19
N THR A 594 12.63 7.72 10.72
CA THR A 594 11.98 8.23 11.93
C THR A 594 11.49 9.64 11.65
N PRO A 595 10.24 9.77 11.15
CA PRO A 595 9.80 11.13 10.80
C PRO A 595 9.74 12.03 12.02
N ILE A 596 9.89 13.32 11.80
CA ILE A 596 9.80 14.30 12.84
C ILE A 596 8.36 14.79 12.79
N THR A 597 7.66 14.63 13.92
CA THR A 597 6.22 14.89 13.99
C THR A 597 5.82 15.99 15.01
N GLN A 598 6.78 16.81 15.45
CA GLN A 598 6.51 18.03 16.23
C GLN A 598 7.46 19.14 15.80
N ALA A 599 7.07 20.37 16.11
CA ALA A 599 7.87 21.55 15.81
C ALA A 599 9.07 21.64 16.76
N GLY A 600 10.17 22.17 16.24
CA GLY A 600 11.36 22.47 17.04
C GLY A 600 12.16 21.33 17.64
N VAL A 601 11.87 20.10 17.26
CA VAL A 601 12.58 18.96 17.82
C VAL A 601 14.07 19.07 17.46
N GLU A 602 14.94 19.09 18.47
CA GLU A 602 16.41 19.26 18.31
C GLU A 602 17.20 17.96 18.19
N SER A 603 16.61 16.86 18.64
CA SER A 603 17.24 15.55 18.53
C SER A 603 16.17 14.47 18.68
N VAL A 604 16.54 13.25 18.35
CA VAL A 604 15.62 12.12 18.34
C VAL A 604 16.36 10.91 18.87
N SER A 605 15.62 10.04 19.55
CA SER A 605 16.13 8.77 20.02
C SER A 605 15.53 7.65 19.17
N ILE A 606 16.36 6.98 18.37
CA ILE A 606 15.90 6.01 17.39
C ILE A 606 16.16 4.63 17.93
N PRO A 607 15.13 3.78 18.02
CA PRO A 607 15.26 2.42 18.59
C PRO A 607 15.75 1.39 17.58
N ALA A 608 16.95 1.62 17.10
CA ALA A 608 17.53 0.84 16.03
C ALA A 608 17.78 -0.58 16.52
N PRO A 609 17.38 -1.60 15.74
CA PRO A 609 17.75 -2.96 16.11
C PRO A 609 19.27 -3.13 16.29
N LYS A 610 19.64 -4.10 17.12
CA LYS A 610 21.01 -4.49 17.34
C LYS A 610 21.72 -4.70 15.99
N GLY A 611 22.87 -4.06 15.81
CA GLY A 611 23.69 -4.23 14.60
C GLY A 611 24.39 -2.95 14.27
N VAL A 612 24.73 -2.78 12.98
CA VAL A 612 25.46 -1.61 12.52
C VAL A 612 24.59 -0.83 11.57
N TRP A 613 24.60 0.50 11.72
CA TRP A 613 23.71 1.38 11.00
C TRP A 613 24.50 2.58 10.61
N PHE A 614 24.17 3.19 9.48
CA PHE A 614 24.83 4.37 9.01
C PHE A 614 23.84 5.50 8.84
N ASP A 615 24.23 6.74 9.17
CA ASP A 615 23.45 7.93 8.84
C ASP A 615 23.38 8.07 7.31
N PHE A 616 22.17 8.00 6.78
CA PHE A 616 21.93 8.08 5.35
C PHE A 616 22.47 9.36 4.77
N TRP A 617 22.40 10.45 5.51
CA TRP A 617 22.77 11.79 5.00
C TRP A 617 24.24 12.11 5.20
N LYS A 618 24.86 11.55 6.23
CA LYS A 618 26.20 11.94 6.66
C LYS A 618 27.23 10.81 6.62
N ASP A 619 26.81 9.57 6.35
CA ASP A 619 27.71 8.42 6.30
C ASP A 619 28.25 7.94 7.65
N THR A 620 27.93 8.63 8.74
CA THR A 620 28.42 8.26 10.08
C THR A 620 28.04 6.83 10.41
N ARG A 621 28.94 6.08 11.02
CA ARG A 621 28.70 4.67 11.39
C ARG A 621 28.33 4.60 12.87
N TYR A 622 27.27 3.86 13.18
CA TYR A 622 26.85 3.58 14.55
C TYR A 622 26.74 2.09 14.68
N GLN A 623 27.16 1.57 15.84
CA GLN A 623 26.95 0.17 16.22
C GLN A 623 26.13 0.22 17.51
N THR A 624 25.26 -0.76 17.74
CA THR A 624 24.49 -0.82 18.96
C THR A 624 24.19 -2.26 19.30
N ASP A 625 24.24 -2.58 20.59
CA ASP A 625 23.84 -3.89 21.09
C ASP A 625 22.40 -3.90 21.66
N GLY A 626 21.64 -2.82 21.48
CA GLY A 626 20.25 -2.75 21.97
C GLY A 626 19.81 -1.32 22.27
N ALA A 627 20.70 -0.54 22.87
CA ALA A 627 20.35 0.81 23.28
C ALA A 627 20.02 1.74 22.09
N PRO A 628 19.05 2.64 22.27
CA PRO A 628 18.73 3.58 21.18
C PRO A 628 19.90 4.54 20.78
N LEU A 629 19.82 5.10 19.59
CA LEU A 629 20.80 6.03 19.07
C LEU A 629 20.18 7.41 19.08
N THR A 630 20.92 8.38 19.56
CA THR A 630 20.43 9.71 19.58
C THR A 630 21.04 10.42 18.42
N LEU A 631 20.23 10.92 17.50
CA LEU A 631 20.76 11.71 16.41
C LEU A 631 20.23 13.12 16.58
N PRO A 632 21.04 14.14 16.23
CA PRO A 632 20.53 15.50 16.09
C PRO A 632 19.67 15.64 14.84
N THR A 633 18.84 16.68 14.79
CA THR A 633 17.94 16.94 13.66
C THR A 633 18.36 18.20 13.01
N ASP A 634 17.91 18.38 11.78
CA ASP A 634 18.08 19.67 11.12
C ASP A 634 16.85 19.91 10.24
N LEU A 635 16.69 21.10 9.70
CA LEU A 635 15.51 21.39 8.93
C LEU A 635 15.55 20.78 7.50
N HIS A 636 16.76 20.54 6.98
N HIS A 636 16.74 20.56 6.92
CA HIS A 636 16.99 20.07 5.62
CA HIS A 636 16.84 20.04 5.54
C HIS A 636 16.63 18.59 5.39
C HIS A 636 16.60 18.54 5.36
N THR A 637 16.62 17.78 6.45
CA THR A 637 16.41 16.33 6.38
C THR A 637 15.56 15.80 7.54
N ILE A 638 15.16 14.53 7.46
CA ILE A 638 14.64 13.80 8.62
C ILE A 638 15.51 12.59 8.86
N PRO A 639 15.57 12.06 10.10
CA PRO A 639 16.52 10.98 10.42
C PRO A 639 16.26 9.64 9.74
N VAL A 640 17.26 9.17 8.99
CA VAL A 640 17.23 7.93 8.22
C VAL A 640 18.55 7.21 8.46
N LEU A 641 18.47 5.97 8.94
CA LEU A 641 19.62 5.09 9.09
C LEU A 641 19.59 4.01 8.00
N VAL A 642 20.78 3.64 7.51
CA VAL A 642 20.95 2.55 6.55
C VAL A 642 21.53 1.34 7.22
N LYS A 643 20.93 0.21 6.99
CA LYS A 643 21.39 -1.05 7.52
C LYS A 643 22.72 -1.45 6.87
N ALA A 644 23.68 -1.87 7.66
CA ALA A 644 24.91 -2.44 7.13
C ALA A 644 24.59 -3.65 6.25
N GLY A 645 25.23 -3.72 5.10
CA GLY A 645 24.98 -4.77 4.10
C GLY A 645 23.96 -4.34 3.06
N ALA A 646 23.41 -3.15 3.18
CA ALA A 646 22.49 -2.62 2.18
C ALA A 646 23.19 -2.36 0.85
N PHE A 647 22.47 -2.66 -0.24
CA PHE A 647 22.79 -2.15 -1.58
C PHE A 647 21.75 -1.10 -1.93
N MET A 648 22.12 0.17 -1.98
CA MET A 648 21.21 1.24 -2.37
C MET A 648 21.48 1.66 -3.81
N PRO A 649 20.51 1.41 -4.73
CA PRO A 649 20.70 1.71 -6.12
C PRO A 649 20.08 3.02 -6.53
N TYR A 650 20.79 3.79 -7.34
CA TYR A 650 20.28 5.02 -7.86
C TYR A 650 20.48 5.13 -9.36
N VAL A 651 19.64 5.96 -9.98
CA VAL A 651 19.82 6.38 -11.34
C VAL A 651 19.82 7.90 -11.32
N PRO A 652 20.28 8.51 -12.40
CA PRO A 652 20.18 9.97 -12.44
C PRO A 652 18.73 10.51 -12.41
N ALA A 653 18.53 11.71 -11.83
CA ALA A 653 17.20 12.29 -11.67
C ALA A 653 16.67 12.69 -13.02
N VAL A 654 15.41 12.42 -13.26
CA VAL A 654 14.73 12.88 -14.48
C VAL A 654 13.56 13.72 -14.08
N SER A 655 13.00 14.45 -15.02
CA SER A 655 11.81 15.29 -14.78
C SER A 655 10.50 14.50 -14.69
N THR A 656 10.47 13.32 -15.31
CA THR A 656 9.27 12.50 -15.48
C THR A 656 9.74 11.08 -15.74
N THR A 657 9.04 10.09 -15.22
CA THR A 657 9.41 8.73 -15.45
C THR A 657 9.27 8.32 -16.93
N GLU A 658 8.61 9.14 -17.76
CA GLU A 658 8.59 8.84 -19.20
C GLU A 658 10.02 8.87 -19.80
N ASP A 659 10.89 9.71 -19.23
CA ASP A 659 12.31 9.84 -19.59
C ASP A 659 13.22 8.88 -18.86
N TYR A 660 12.67 7.94 -18.08
CA TYR A 660 13.49 7.11 -17.22
C TYR A 660 14.48 6.28 -18.06
N ARG A 661 15.68 6.10 -17.53
CA ARG A 661 16.72 5.28 -18.16
C ARG A 661 17.55 4.73 -17.02
N SER A 662 17.98 3.49 -17.16
CA SER A 662 18.94 2.88 -16.28
C SER A 662 20.30 2.63 -16.96
N ASP A 663 20.60 3.35 -18.04
CA ASP A 663 21.93 3.20 -18.72
C ASP A 663 23.11 3.49 -17.76
N SER A 664 22.86 4.41 -16.83
CA SER A 664 23.76 4.76 -15.78
C SER A 664 23.19 4.40 -14.41
N LEU A 665 23.88 3.50 -13.70
CA LEU A 665 23.56 3.07 -12.36
C LEU A 665 24.62 3.55 -11.41
N GLU A 666 24.20 3.91 -10.20
CA GLU A 666 25.10 4.18 -9.11
C GLU A 666 24.58 3.40 -7.92
N ILE A 667 25.41 2.52 -7.38
CA ILE A 667 25.03 1.63 -6.32
C ILE A 667 25.95 1.82 -5.12
N HIS A 668 25.35 1.98 -3.94
CA HIS A 668 26.10 2.22 -2.72
C HIS A 668 25.94 1.03 -1.82
N TYR A 669 27.06 0.41 -1.47
CA TYR A 669 27.09 -0.72 -0.59
C TYR A 669 27.69 -0.31 0.75
N TYR A 670 27.03 -0.71 1.83
CA TYR A 670 27.44 -0.30 3.18
C TYR A 670 28.12 -1.47 3.86
N ALA A 671 29.46 -1.55 3.74
CA ALA A 671 30.18 -2.70 4.23
C ALA A 671 30.42 -2.63 5.72
N ASP A 672 30.33 -3.81 6.33
CA ASP A 672 30.79 -4.00 7.67
C ASP A 672 31.10 -5.45 7.84
N ALA A 673 32.18 -5.74 8.53
CA ALA A 673 32.58 -7.15 8.80
C ALA A 673 31.51 -7.93 9.58
N SER A 674 30.67 -7.22 10.32
CA SER A 674 29.56 -7.85 11.03
C SER A 674 28.55 -8.51 10.10
N VAL A 675 28.55 -8.13 8.81
CA VAL A 675 27.63 -8.69 7.83
C VAL A 675 28.48 -9.40 6.77
N PRO A 676 28.74 -10.70 6.97
CA PRO A 676 29.62 -11.45 6.05
C PRO A 676 28.98 -11.89 4.75
N LEU A 677 27.66 -11.77 4.64
CA LEU A 677 26.93 -12.15 3.45
C LEU A 677 25.75 -11.20 3.27
N ALA A 678 25.61 -10.60 2.09
CA ALA A 678 24.54 -9.67 1.80
C ALA A 678 24.05 -9.77 0.37
N GLN A 679 22.80 -9.37 0.13
CA GLN A 679 22.20 -9.41 -1.20
C GLN A 679 21.35 -8.22 -1.51
N GLY A 680 21.26 -7.93 -2.79
CA GLY A 680 20.42 -6.86 -3.26
C GLY A 680 19.89 -7.27 -4.60
N GLU A 681 18.93 -6.50 -5.06
CA GLU A 681 18.19 -6.84 -6.22
C GLU A 681 17.70 -5.54 -6.83
N ILE A 682 17.69 -5.47 -8.17
CA ILE A 682 17.11 -4.36 -8.90
C ILE A 682 16.23 -4.90 -10.02
N PHE A 683 14.94 -4.55 -9.98
CA PHE A 683 13.96 -5.02 -10.93
C PHE A 683 13.75 -3.96 -11.98
N GLU A 684 13.99 -4.30 -13.24
CA GLU A 684 13.75 -3.38 -14.35
CA GLU A 684 13.76 -3.38 -14.34
C GLU A 684 12.83 -4.01 -15.38
N ASP A 685 11.89 -3.20 -15.89
CA ASP A 685 11.04 -3.61 -17.01
C ASP A 685 10.66 -2.37 -17.79
N ASP A 686 9.65 -2.40 -18.65
CA ASP A 686 9.29 -1.17 -19.39
C ASP A 686 8.48 -0.16 -18.57
N GLY A 687 8.20 -0.48 -17.31
CA GLY A 687 7.41 0.39 -16.44
C GLY A 687 5.95 0.59 -16.75
N LYS A 688 5.41 -0.11 -17.76
CA LYS A 688 4.00 0.07 -18.17
C LYS A 688 3.16 -1.20 -18.48
N ASP A 689 3.80 -2.35 -18.66
CA ASP A 689 3.17 -3.58 -19.17
C ASP A 689 2.62 -4.43 -18.01
N PRO A 690 1.29 -4.69 -18.01
CA PRO A 690 0.74 -5.47 -16.91
C PRO A 690 1.16 -6.92 -16.92
N ASN A 691 1.63 -7.40 -18.06
CA ASN A 691 2.09 -8.77 -18.15
C ASN A 691 3.62 -8.99 -18.05
N SER A 692 4.39 -7.95 -17.73
CA SER A 692 5.87 -8.10 -17.67
C SER A 692 6.35 -9.23 -16.75
N ILE A 693 5.84 -9.31 -15.52
CA ILE A 693 6.26 -10.37 -14.58
C ILE A 693 5.83 -11.76 -15.05
N LYS A 694 4.55 -11.89 -15.38
CA LYS A 694 3.98 -13.15 -15.85
C LYS A 694 4.75 -13.74 -17.07
N ARG A 695 5.04 -12.90 -18.06
CA ARG A 695 5.76 -13.31 -19.26
C ARG A 695 7.30 -13.25 -19.17
N ASN A 696 7.85 -12.97 -17.98
CA ASN A 696 9.29 -12.72 -17.77
C ASN A 696 9.93 -11.64 -18.67
N GLN A 697 9.17 -10.62 -19.05
CA GLN A 697 9.69 -9.52 -19.88
C GLN A 697 10.30 -8.47 -18.96
N PHE A 698 11.36 -8.87 -18.28
CA PHE A 698 12.05 -8.00 -17.37
C PHE A 698 13.54 -8.37 -17.25
N ASP A 699 14.26 -7.48 -16.56
CA ASP A 699 15.70 -7.57 -16.37
C ASP A 699 15.87 -7.49 -14.86
N LEU A 700 16.13 -8.62 -14.23
CA LEU A 700 16.31 -8.66 -12.81
C LEU A 700 17.79 -8.74 -12.46
N LEU A 701 18.33 -7.65 -11.92
CA LEU A 701 19.74 -7.56 -11.53
C LEU A 701 19.89 -7.99 -10.09
N THR A 702 20.81 -8.90 -9.82
CA THR A 702 21.16 -9.29 -8.47
C THR A 702 22.62 -9.01 -8.13
N LEU A 703 22.87 -8.75 -6.84
CA LEU A 703 24.19 -8.43 -6.31
C LEU A 703 24.36 -9.19 -5.03
N GLN A 704 25.47 -9.92 -4.93
CA GLN A 704 25.81 -10.60 -3.68
C GLN A 704 27.20 -10.19 -3.19
N ALA A 705 27.30 -9.80 -1.94
CA ALA A 705 28.56 -9.45 -1.31
C ALA A 705 28.94 -10.54 -0.36
N THR A 706 30.22 -10.90 -0.37
CA THR A 706 30.82 -11.81 0.58
C THR A 706 31.99 -11.07 1.22
N HIS A 707 31.95 -10.94 2.54
CA HIS A 707 32.85 -10.07 3.28
C HIS A 707 33.57 -10.90 4.35
N THR A 708 34.85 -11.15 4.12
CA THR A 708 35.70 -11.87 5.06
C THR A 708 36.82 -10.96 5.57
N ASP A 709 37.72 -11.51 6.39
CA ASP A 709 38.80 -10.76 7.02
C ASP A 709 39.69 -10.09 6.01
N ASN A 710 40.04 -10.79 4.93
CA ASN A 710 40.95 -10.24 3.92
C ASN A 710 40.39 -9.99 2.55
N GLN A 711 39.09 -10.19 2.34
CA GLN A 711 38.54 -10.07 1.00
C GLN A 711 37.13 -9.50 1.04
N LEU A 712 36.77 -8.76 0.00
CA LEU A 712 35.39 -8.36 -0.22
C LEU A 712 35.09 -8.70 -1.64
N HIS A 713 34.08 -9.53 -1.86
CA HIS A 713 33.81 -10.16 -3.14
C HIS A 713 32.37 -9.85 -3.55
N PHE A 714 32.15 -9.32 -4.74
CA PHE A 714 30.82 -9.05 -5.29
C PHE A 714 30.55 -9.91 -6.52
N GLN A 715 29.40 -10.59 -6.52
CA GLN A 715 28.88 -11.38 -7.63
C GLN A 715 27.66 -10.67 -8.21
N LEU A 716 27.74 -10.32 -9.48
CA LEU A 716 26.69 -9.60 -10.18
C LEU A 716 26.13 -10.49 -11.31
N ALA A 717 24.80 -10.50 -11.47
CA ALA A 717 24.11 -11.31 -12.46
C ALA A 717 22.81 -10.69 -12.90
N ARG A 718 22.35 -11.08 -14.08
CA ARG A 718 21.05 -10.66 -14.59
C ARG A 718 20.22 -11.88 -15.03
N THR A 719 18.93 -11.87 -14.70
CA THR A 719 17.98 -12.88 -15.17
C THR A 719 16.78 -12.21 -15.84
N GLY A 720 15.90 -13.05 -16.41
CA GLY A 720 14.76 -12.58 -17.18
C GLY A 720 15.08 -12.49 -18.67
N LYS A 721 14.06 -12.36 -19.48
CA LYS A 721 14.20 -12.28 -20.94
C LYS A 721 14.38 -10.85 -21.45
N GLY A 722 14.45 -9.86 -20.57
CA GLY A 722 14.61 -8.49 -21.01
C GLY A 722 13.33 -7.93 -21.57
N TYR A 723 13.40 -6.74 -22.16
CA TYR A 723 12.24 -6.00 -22.58
C TYR A 723 12.72 -5.03 -23.64
N ARG A 724 11.80 -4.47 -24.41
CA ARG A 724 12.16 -3.57 -25.50
C ARG A 724 12.75 -2.27 -24.95
N GLY A 725 13.91 -1.89 -25.43
CA GLY A 725 14.64 -0.71 -24.93
C GLY A 725 15.61 -0.96 -23.77
N MET A 726 15.69 -2.19 -23.29
CA MET A 726 16.58 -2.55 -22.21
C MET A 726 18.06 -2.31 -22.63
N PRO A 727 18.84 -1.61 -21.78
CA PRO A 727 20.29 -1.53 -22.10
C PRO A 727 21.00 -2.86 -21.96
N GLU A 728 21.76 -3.21 -23.00
CA GLU A 728 22.57 -4.39 -22.95
C GLU A 728 23.68 -4.15 -21.94
N ARG A 729 24.24 -2.93 -21.88
CA ARG A 729 25.36 -2.62 -20.98
C ARG A 729 25.05 -1.37 -20.14
N ARG A 730 25.24 -1.45 -18.83
CA ARG A 730 25.03 -0.32 -17.93
C ARG A 730 26.36 0.13 -17.34
N ALA A 731 26.69 1.39 -17.55
CA ALA A 731 27.75 2.05 -16.77
C ALA A 731 27.35 2.05 -15.27
N THR A 732 28.19 1.45 -14.46
CA THR A 732 27.96 1.23 -13.06
C THR A 732 29.08 1.78 -12.19
N THR A 733 28.73 2.66 -11.25
CA THR A 733 29.63 3.11 -10.22
C THR A 733 29.20 2.45 -8.93
N LEU A 734 30.06 1.61 -8.35
CA LEU A 734 29.80 0.99 -7.06
C LEU A 734 30.61 1.73 -6.00
N VAL A 735 29.94 2.36 -5.04
CA VAL A 735 30.58 3.09 -3.95
C VAL A 735 30.45 2.27 -2.70
N ILE A 736 31.56 1.85 -2.13
CA ILE A 736 31.60 1.04 -0.95
C ILE A 736 31.92 1.95 0.25
N HIS A 737 30.90 2.14 1.09
CA HIS A 737 31.00 2.97 2.27
C HIS A 737 31.62 2.09 3.34
N ASN A 738 32.37 2.72 4.25
CA ASN A 738 33.10 2.04 5.32
C ASN A 738 34.11 0.98 4.84
N ALA A 739 34.66 1.19 3.64
CA ALA A 739 35.62 0.28 3.04
C ALA A 739 36.94 0.28 3.82
N SER A 740 37.52 -0.89 3.98
CA SER A 740 38.82 -1.00 4.60
C SER A 740 39.84 -0.20 3.79
N ASP A 741 40.78 0.42 4.49
CA ASP A 741 41.92 1.07 3.82
C ASP A 741 43.05 0.08 3.47
N GLN A 742 42.93 -1.19 3.84
CA GLN A 742 43.90 -2.23 3.51
C GLN A 742 43.74 -2.92 2.14
N TYR A 743 42.78 -2.54 1.30
CA TYR A 743 42.60 -3.26 0.04
C TYR A 743 43.69 -2.81 -0.95
N GLN A 744 44.49 -3.77 -1.39
CA GLN A 744 45.58 -3.53 -2.32
C GLN A 744 45.15 -3.63 -3.78
N HIS A 745 44.41 -4.68 -4.14
CA HIS A 745 43.98 -4.80 -5.53
C HIS A 745 42.57 -5.35 -5.72
N LEU A 746 42.09 -5.09 -6.92
CA LEU A 746 40.83 -5.45 -7.42
C LEU A 746 41.05 -6.40 -8.62
N ASP A 747 40.36 -7.55 -8.63
CA ASP A 747 40.13 -8.38 -9.85
C ASP A 747 38.71 -8.08 -10.34
N ILE A 748 38.56 -7.70 -11.60
CA ILE A 748 37.28 -7.73 -12.27
C ILE A 748 37.35 -8.85 -13.32
N ASN A 749 36.59 -9.92 -13.09
CA ASN A 749 36.61 -11.10 -13.95
C ASN A 749 38.04 -11.59 -14.25
N GLY A 750 38.88 -11.65 -13.22
CA GLY A 750 40.26 -12.12 -13.29
C GLY A 750 41.33 -11.11 -13.72
N LYS A 751 40.89 -10.00 -14.32
CA LYS A 751 41.75 -8.89 -14.72
C LYS A 751 42.09 -7.96 -13.53
N THR A 752 43.36 -7.95 -13.12
CA THR A 752 43.85 -7.13 -12.02
C THR A 752 43.84 -5.65 -12.36
N ILE A 753 43.46 -4.82 -11.39
CA ILE A 753 43.36 -3.38 -11.54
C ILE A 753 43.91 -2.77 -10.24
N ALA A 754 44.78 -1.79 -10.36
CA ALA A 754 45.33 -1.15 -9.14
C ALA A 754 44.28 -0.18 -8.56
N ILE A 755 44.22 -0.16 -7.24
CA ILE A 755 43.36 0.79 -6.52
C ILE A 755 44.17 2.08 -6.27
N ALA A 756 43.80 3.14 -6.95
CA ALA A 756 44.36 4.48 -6.68
C ALA A 756 44.01 4.93 -5.23
N GLN A 757 44.91 5.70 -4.58
CA GLN A 757 44.69 6.13 -3.18
C GLN A 757 44.67 7.64 -3.09
N ALA A 758 44.37 8.28 -4.21
CA ALA A 758 44.41 9.73 -4.31
C ALA A 758 43.55 10.15 -5.46
N ASP A 759 43.02 11.38 -5.38
CA ASP A 759 42.39 12.06 -6.54
C ASP A 759 41.16 11.34 -7.09
N CYS A 760 40.39 10.66 -6.24
CA CYS A 760 39.26 9.81 -6.72
C CYS A 760 38.19 10.62 -7.41
N ALA A 761 37.82 11.72 -6.75
CA ALA A 761 36.86 12.65 -7.34
C ALA A 761 37.41 13.37 -8.59
N SER A 762 38.74 13.46 -8.77
CA SER A 762 39.37 14.25 -9.85
C SER A 762 40.04 13.50 -11.05
N THR A 763 39.95 12.17 -11.12
CA THR A 763 40.46 11.38 -12.25
C THR A 763 39.35 10.41 -12.74
N PRO A 764 39.41 9.98 -14.04
CA PRO A 764 38.51 8.89 -14.56
C PRO A 764 38.92 7.51 -14.04
N ALA A 765 39.09 7.44 -12.72
CA ALA A 765 39.61 6.29 -11.99
C ALA A 765 38.62 5.12 -12.11
N LEU A 766 39.21 3.93 -12.27
CA LEU A 766 38.44 2.71 -12.38
C LEU A 766 38.27 2.13 -10.97
N ALA A 767 39.26 2.33 -10.12
CA ALA A 767 39.14 1.91 -8.74
C ALA A 767 39.91 2.91 -7.88
N CYS A 768 39.23 3.50 -6.91
CA CYS A 768 39.86 4.54 -6.11
C CYS A 768 39.31 4.61 -4.68
N TYR A 769 40.22 4.65 -3.71
CA TYR A 769 39.90 4.78 -2.30
C TYR A 769 40.08 6.21 -1.84
N ASP A 770 39.02 6.76 -1.27
CA ASP A 770 38.99 8.10 -0.69
C ASP A 770 39.21 7.91 0.82
N GLN A 771 40.43 8.17 1.28
CA GLN A 771 40.80 7.99 2.69
C GLN A 771 40.04 8.90 3.66
N GLU A 772 39.72 10.13 3.25
CA GLU A 772 38.99 11.07 4.08
C GLU A 772 37.55 10.58 4.30
N ARG A 773 36.88 9.98 3.31
CA ARG A 773 35.47 9.50 3.46
C ARG A 773 35.32 8.00 3.78
N ARG A 774 36.41 7.24 3.81
CA ARG A 774 36.35 5.79 3.90
C ARG A 774 35.44 5.11 2.82
N GLN A 775 35.48 5.64 1.61
CA GLN A 775 34.75 5.12 0.47
C GLN A 775 35.69 4.61 -0.65
N LEU A 776 35.44 3.38 -1.09
CA LEU A 776 36.10 2.78 -2.25
C LEU A 776 35.16 2.78 -3.46
N GLN A 777 35.51 3.54 -4.50
CA GLN A 777 34.67 3.66 -5.71
C GLN A 777 35.21 2.76 -6.84
N LEU A 778 34.34 1.93 -7.42
CA LEU A 778 34.68 1.09 -8.58
C LEU A 778 33.77 1.48 -9.73
N VAL A 779 34.34 1.73 -10.92
CA VAL A 779 33.56 2.08 -12.11
C VAL A 779 33.80 0.99 -13.17
N PHE A 780 32.72 0.50 -13.77
CA PHE A 780 32.77 -0.67 -14.68
C PHE A 780 31.53 -0.79 -15.55
N THR A 781 31.52 -1.76 -16.44
CA THR A 781 30.45 -1.95 -17.40
C THR A 781 29.76 -3.21 -16.96
N TRP A 782 28.44 -3.15 -16.77
CA TRP A 782 27.67 -4.30 -16.34
C TRP A 782 26.84 -4.73 -17.55
N GLY A 783 27.27 -5.84 -18.15
CA GLY A 783 26.59 -6.40 -19.31
C GLY A 783 25.77 -7.60 -18.92
N ARG A 784 25.32 -8.36 -19.92
CA ARG A 784 24.37 -9.45 -19.66
C ARG A 784 24.99 -10.65 -18.96
N GLU A 785 26.30 -10.84 -19.11
CA GLU A 785 27.01 -11.95 -18.47
C GLU A 785 27.40 -11.64 -17.04
N ALA A 786 27.54 -12.72 -16.28
CA ALA A 786 27.96 -12.64 -14.91
C ALA A 786 29.28 -11.89 -14.77
N LEU A 787 29.40 -11.19 -13.66
CA LEU A 787 30.49 -10.30 -13.40
C LEU A 787 30.87 -10.51 -11.95
N ASN A 788 32.17 -10.70 -11.69
N ASN A 788 32.18 -10.57 -11.72
CA ASN A 788 32.66 -10.89 -10.35
CA ASN A 788 32.71 -10.86 -10.42
C ASN A 788 33.76 -9.86 -10.06
C ASN A 788 33.78 -9.84 -10.07
N LEU A 789 33.61 -9.15 -8.94
CA LEU A 789 34.58 -8.13 -8.48
C LEU A 789 35.17 -8.58 -7.16
N ARG A 790 36.49 -8.78 -7.08
CA ARG A 790 37.15 -9.24 -5.85
C ARG A 790 38.16 -8.19 -5.38
N LEU A 791 38.03 -7.74 -4.13
CA LEU A 791 39.01 -6.86 -3.51
C LEU A 791 39.75 -7.70 -2.50
N HIS A 792 41.08 -7.59 -2.42
CA HIS A 792 41.92 -8.39 -1.52
C HIS A 792 42.96 -7.51 -0.82
N LYS A 793 43.29 -7.80 0.45
CA LYS A 793 44.29 -7.03 1.25
C LYS A 793 45.76 -7.37 0.98
S SO4 B . -10.54 19.72 -27.56
O1 SO4 B . -11.26 19.15 -26.39
O2 SO4 B . -10.74 18.78 -28.69
O3 SO4 B . -9.11 19.80 -27.28
O4 SO4 B . -11.12 21.03 -27.89
S SO4 C . -21.01 -19.40 -1.48
O1 SO4 C . -22.23 -20.15 -1.10
O2 SO4 C . -19.89 -19.95 -0.68
O3 SO4 C . -21.23 -17.96 -1.24
O4 SO4 C . -20.77 -19.55 -2.92
S SO4 D . 36.55 17.76 -2.16
O1 SO4 D . 35.85 16.96 -1.12
O2 SO4 D . 38.02 17.56 -2.07
O3 SO4 D . 36.10 17.30 -3.50
O4 SO4 D . 36.28 19.21 -1.96
S SO4 E . 39.85 -14.72 3.96
O1 SO4 E . 39.48 -14.58 5.39
O2 SO4 E . 39.34 -16.01 3.42
O3 SO4 E . 41.33 -14.65 3.84
O4 SO4 E . 39.27 -13.62 3.14
S SO4 F . -10.77 -37.07 21.95
O1 SO4 F . -10.87 -36.16 23.13
O2 SO4 F . -11.38 -38.38 22.25
O3 SO4 F . -11.52 -36.52 20.80
O4 SO4 F . -9.35 -37.21 21.58
S SO4 G . 27.87 -7.55 -23.23
O1 SO4 G . 26.53 -7.80 -22.60
O2 SO4 G . 28.37 -8.84 -23.76
O3 SO4 G . 27.75 -6.58 -24.35
O4 SO4 G . 28.86 -7.06 -22.23
S SO4 H . 4.41 -20.83 6.11
O1 SO4 H . 3.10 -21.37 5.71
O2 SO4 H . 5.08 -21.78 7.05
O3 SO4 H . 5.25 -20.64 4.91
O4 SO4 H . 4.28 -19.53 6.80
S SO4 I . -13.61 30.49 -4.04
O1 SO4 I . -13.84 31.54 -3.02
O2 SO4 I . -13.62 29.17 -3.34
O3 SO4 I . -12.31 30.74 -4.69
O4 SO4 I . -14.71 30.54 -5.05
C1 EDO J . 34.12 -1.96 -21.95
O1 EDO J . 35.07 -1.28 -21.10
C2 EDO J . 33.57 -3.25 -21.33
O2 EDO J . 32.25 -3.53 -21.84
C1 EDO K . 14.83 9.75 -23.07
O1 EDO K . 14.34 11.10 -23.05
C2 EDO K . 13.68 8.78 -23.34
O2 EDO K . 14.00 7.46 -22.88
C1 EDO L . 13.20 -5.16 7.31
O1 EDO L . 12.01 -5.29 6.53
C2 EDO L . 13.02 -5.91 8.63
O2 EDO L . 13.98 -6.97 8.83
C1 EDO M . 42.69 7.83 -14.49
O1 EDO M . 43.45 7.39 -13.37
C2 EDO M . 43.53 8.77 -15.39
O2 EDO M . 43.71 10.08 -14.82
C1 EDO N . -32.05 11.94 2.87
O1 EDO N . -32.85 13.12 3.03
C2 EDO N . -32.27 10.85 3.92
O2 EDO N . -32.78 9.66 3.27
C1 EDO O . -27.67 -11.78 2.48
O1 EDO O . -26.46 -12.20 3.16
C2 EDO O . -28.75 -11.40 3.49
O2 EDO O . -28.29 -10.38 4.40
C1 EDO P . -15.68 9.79 12.80
O1 EDO P . -15.77 9.10 11.53
C2 EDO P . -16.27 11.19 12.64
O2 EDO P . -16.33 11.89 13.89
C1 EDO Q . -20.51 22.42 -22.46
O1 EDO Q . -20.40 21.38 -23.46
C2 EDO Q . -20.00 21.95 -21.08
O2 EDO Q . -20.20 22.89 -20.00
C1 EDO R . -23.37 27.39 -16.15
O1 EDO R . -23.60 28.30 -15.07
C2 EDO R . -22.84 26.08 -15.60
O2 EDO R . -22.62 26.24 -14.18
C1 EDO S . -22.01 -6.43 -13.65
O1 EDO S . -21.31 -7.30 -14.54
C2 EDO S . -23.02 -7.23 -12.82
O2 EDO S . -22.56 -7.32 -11.46
C1 EDO T . -1.79 -24.36 -1.74
O1 EDO T . -2.55 -23.71 -2.76
C2 EDO T . -0.36 -23.85 -1.78
O2 EDO T . 0.14 -23.74 -0.44
C1 EDO U . -17.69 19.34 6.38
O1 EDO U . -16.93 20.07 5.41
C2 EDO U . -17.56 17.84 6.12
O2 EDO U . -17.58 17.54 4.71
O1 PG4 V . 23.75 11.62 -6.03
C1 PG4 V . 24.56 11.15 -4.93
C2 PG4 V . 24.08 9.78 -4.43
O2 PG4 V . 22.83 9.89 -3.73
C3 PG4 V . 22.80 9.33 -2.41
C4 PG4 V . 21.63 9.91 -1.64
O3 PG4 V . 22.11 10.64 -0.50
C5 PG4 V . 21.26 11.75 -0.11
C6 PG4 V . 21.46 13.05 -0.91
O4 PG4 V . 20.21 13.68 -1.28
C7 PG4 V . 20.18 15.13 -1.32
C8 PG4 V . 19.27 15.71 -0.23
O5 PG4 V . 19.95 16.54 0.74
C1 94E W . -13.09 15.40 0.04
C3 94E W . -10.75 15.29 -1.02
C6 94E W . -13.62 16.34 -1.02
C2 94E W . -11.96 14.51 -0.52
C4 94E W . -11.27 16.12 -2.19
C5 94E W . -12.50 17.02 -1.85
C7 94E W . -13.16 17.59 -3.11
O6 94E W . -14.42 17.33 -0.32
O1 94E W . -12.77 16.32 1.09
O7 94E W . -13.49 16.56 -4.05
O4 94E W . -10.15 16.87 -2.62
O3 94E W . -9.63 14.46 -1.43
O2 94E W . -11.51 13.47 0.32
S14 94E W . -13.82 17.48 1.12
O15 94E W . -14.74 17.26 2.20
O16 94E W . -13.21 18.80 1.30
C1 OXL X . 38.68 -3.35 7.92
C2 OXL X . 37.75 -4.53 7.69
O1 OXL X . 39.93 -3.29 7.74
O2 OXL X . 36.80 -4.65 8.47
O3 OXL X . 38.24 -2.27 8.34
O4 OXL X . 37.77 -5.44 6.80
#